data_2ELY
#
_entry.id   2ELY
#
loop_
_entity.id
_entity.type
_entity.pdbx_description
1 polymer 'Zinc finger protein 224'
2 non-polymer 'ZINC ION'
#
_entity_poly.entity_id   1
_entity_poly.type   'polypeptide(L)'
_entity_poly.pdbx_seq_one_letter_code
;GSSGSSGTGEKPFKCVECGKGFSRRSALNVHHKLHTGEKPSGPSSG
;
_entity_poly.pdbx_strand_id   A
#
loop_
_chem_comp.id
_chem_comp.type
_chem_comp.name
_chem_comp.formula
ZN non-polymer 'ZINC ION' 'Zn 2'
#
# COMPACT_ATOMS: atom_id res chain seq x y z
N GLY A 1 27.37 12.54 -9.46
CA GLY A 1 26.27 11.60 -9.54
C GLY A 1 25.74 11.21 -8.18
N SER A 2 24.72 10.34 -8.16
CA SER A 2 24.12 9.90 -6.91
C SER A 2 23.83 8.40 -6.96
N SER A 3 24.17 7.69 -5.88
CA SER A 3 23.94 6.26 -5.80
C SER A 3 24.11 5.77 -4.37
N GLY A 4 23.26 4.82 -3.98
CA GLY A 4 23.34 4.28 -2.64
C GLY A 4 21.97 4.03 -2.03
N SER A 5 21.23 3.10 -2.61
CA SER A 5 19.89 2.77 -2.12
C SER A 5 19.96 2.05 -0.79
N SER A 6 19.65 2.78 0.29
CA SER A 6 19.68 2.21 1.63
C SER A 6 18.36 2.47 2.35
N GLY A 7 17.26 2.25 1.65
CA GLY A 7 15.95 2.46 2.23
C GLY A 7 15.18 1.17 2.40
N THR A 8 15.69 0.27 3.23
CA THR A 8 15.05 -1.01 3.47
C THR A 8 14.43 -1.06 4.86
N GLY A 9 13.42 -1.91 5.02
CA GLY A 9 12.76 -2.03 6.30
C GLY A 9 12.21 -3.43 6.54
N GLU A 10 11.75 -4.07 5.47
CA GLU A 10 11.20 -5.42 5.56
C GLU A 10 9.94 -5.43 6.43
N LYS A 11 9.02 -4.50 6.14
CA LYS A 11 7.78 -4.40 6.89
C LYS A 11 6.85 -5.56 6.55
N PRO A 12 6.13 -6.06 7.57
CA PRO A 12 5.19 -7.17 7.41
C PRO A 12 3.96 -6.77 6.61
N PHE A 13 3.47 -5.55 6.84
CA PHE A 13 2.30 -5.05 6.14
C PHE A 13 2.70 -4.26 4.90
N LYS A 14 2.06 -4.57 3.78
CA LYS A 14 2.34 -3.89 2.52
C LYS A 14 1.06 -3.67 1.72
N CYS A 15 0.99 -2.52 1.04
CA CYS A 15 -0.18 -2.19 0.24
C CYS A 15 -0.25 -3.06 -1.02
N VAL A 16 -1.45 -3.51 -1.35
CA VAL A 16 -1.66 -4.34 -2.52
C VAL A 16 -1.87 -3.50 -3.78
N GLU A 17 -1.67 -2.18 -3.64
CA GLU A 17 -1.84 -1.27 -4.76
C GLU A 17 -0.51 -0.68 -5.19
N CYS A 18 0.39 -0.48 -4.22
CA CYS A 18 1.70 0.08 -4.51
C CYS A 18 2.81 -0.78 -3.87
N GLY A 19 2.48 -1.39 -2.74
CA GLY A 19 3.45 -2.23 -2.05
C GLY A 19 4.14 -1.51 -0.92
N LYS A 20 3.51 -0.45 -0.42
CA LYS A 20 4.07 0.32 0.68
C LYS A 20 4.48 -0.58 1.83
N GLY A 21 4.97 0.03 2.92
CA GLY A 21 5.38 -0.74 4.08
C GLY A 21 4.89 -0.14 5.37
N PHE A 22 4.03 -0.89 6.08
CA PHE A 22 3.49 -0.42 7.34
C PHE A 22 3.96 -1.30 8.50
N SER A 23 3.44 -1.04 9.69
CA SER A 23 3.82 -1.79 10.88
C SER A 23 2.60 -2.46 11.51
N ARG A 24 1.44 -1.84 11.35
CA ARG A 24 0.21 -2.37 11.91
C ARG A 24 -0.77 -2.73 10.79
N ARG A 25 -1.81 -3.49 11.15
CA ARG A 25 -2.82 -3.89 10.17
C ARG A 25 -3.94 -2.86 10.08
N SER A 26 -3.65 -1.64 10.53
CA SER A 26 -4.63 -0.56 10.49
C SER A 26 -4.16 0.57 9.59
N ALA A 27 -2.96 1.08 9.87
CA ALA A 27 -2.40 2.18 9.08
C ALA A 27 -2.39 1.83 7.60
N LEU A 28 -2.21 0.55 7.29
CA LEU A 28 -2.19 0.09 5.90
C LEU A 28 -3.59 0.05 5.32
N ASN A 29 -4.58 -0.27 6.17
CA ASN A 29 -5.96 -0.35 5.73
C ASN A 29 -6.51 1.04 5.40
N VAL A 30 -6.03 2.05 6.13
CA VAL A 30 -6.48 3.42 5.91
C VAL A 30 -5.86 4.00 4.64
N HIS A 31 -4.58 3.70 4.42
CA HIS A 31 -3.88 4.19 3.24
C HIS A 31 -4.49 3.62 1.96
N HIS A 32 -5.17 2.48 2.09
CA HIS A 32 -5.80 1.84 0.95
C HIS A 32 -6.91 2.70 0.38
N LYS A 33 -7.74 3.25 1.27
CA LYS A 33 -8.85 4.11 0.85
C LYS A 33 -8.38 5.14 -0.17
N LEU A 34 -7.14 5.61 -0.02
CA LEU A 34 -6.58 6.59 -0.94
C LEU A 34 -6.56 6.06 -2.37
N HIS A 35 -6.28 4.76 -2.50
CA HIS A 35 -6.22 4.13 -3.82
C HIS A 35 -7.62 4.04 -4.43
N THR A 36 -8.51 3.31 -3.76
CA THR A 36 -9.88 3.15 -4.24
C THR A 36 -10.62 4.48 -4.28
N GLY A 37 -10.42 5.24 -5.35
CA GLY A 37 -11.07 6.53 -5.48
C GLY A 37 -10.10 7.63 -5.89
N GLU A 38 -10.24 8.09 -7.13
CA GLU A 38 -9.36 9.15 -7.64
C GLU A 38 -10.18 10.18 -8.42
N LYS A 39 -9.56 11.32 -8.70
CA LYS A 39 -10.21 12.40 -9.44
C LYS A 39 -11.04 11.82 -10.58
N PRO A 40 -12.03 12.62 -11.05
CA PRO A 40 -12.92 12.21 -12.14
C PRO A 40 -12.20 12.16 -13.49
N SER A 41 -11.59 11.02 -13.77
CA SER A 41 -10.86 10.83 -15.02
C SER A 41 -11.02 9.41 -15.55
N GLY A 42 -11.68 9.27 -16.69
CA GLY A 42 -11.89 7.95 -17.27
C GLY A 42 -13.21 7.34 -16.86
N PRO A 43 -14.29 7.70 -17.58
CA PRO A 43 -15.64 7.19 -17.30
C PRO A 43 -15.77 5.71 -17.65
N SER A 44 -15.60 4.86 -16.65
CA SER A 44 -15.70 3.42 -16.85
C SER A 44 -17.16 2.97 -16.78
N SER A 45 -17.86 3.08 -17.91
CA SER A 45 -19.26 2.69 -17.98
C SER A 45 -19.44 1.24 -17.56
N GLY A 46 -20.60 0.93 -16.99
CA GLY A 46 -20.87 -0.43 -16.57
C GLY A 46 -22.35 -0.77 -16.61
ZN ZN B . -0.84 1.98 -1.61
N GLY A 1 14.32 -16.34 -7.87
CA GLY A 1 13.61 -15.15 -7.45
C GLY A 1 12.70 -14.60 -8.55
N SER A 2 11.66 -15.37 -8.89
CA SER A 2 10.74 -14.95 -9.93
C SER A 2 9.75 -13.93 -9.39
N SER A 3 8.98 -14.31 -8.37
CA SER A 3 8.00 -13.42 -7.77
C SER A 3 8.55 -12.00 -7.65
N GLY A 4 9.81 -11.90 -7.20
CA GLY A 4 10.43 -10.60 -7.03
C GLY A 4 9.49 -9.58 -6.43
N SER A 5 8.88 -9.94 -5.30
CA SER A 5 7.95 -9.05 -4.61
C SER A 5 8.46 -8.71 -3.21
N SER A 6 8.86 -9.74 -2.47
CA SER A 6 9.37 -9.55 -1.12
C SER A 6 10.79 -9.03 -1.13
N GLY A 7 11.14 -8.22 -0.14
CA GLY A 7 12.47 -7.67 -0.06
C GLY A 7 12.47 -6.15 -0.10
N THR A 8 11.51 -5.54 0.57
CA THR A 8 11.40 -4.09 0.60
C THR A 8 11.18 -3.57 2.02
N GLY A 9 12.27 -3.39 2.76
CA GLY A 9 12.16 -2.91 4.12
C GLY A 9 12.03 -4.03 5.13
N GLU A 10 11.31 -3.78 6.21
CA GLU A 10 11.10 -4.77 7.25
C GLU A 10 9.62 -4.98 7.52
N LYS A 11 8.84 -3.91 7.40
CA LYS A 11 7.41 -3.97 7.64
C LYS A 11 6.78 -5.15 6.88
N PRO A 12 6.07 -6.01 7.63
CA PRO A 12 5.41 -7.19 7.06
C PRO A 12 4.23 -6.82 6.18
N PHE A 13 3.47 -5.81 6.61
CA PHE A 13 2.30 -5.37 5.86
C PHE A 13 2.72 -4.56 4.64
N LYS A 14 2.01 -4.76 3.53
CA LYS A 14 2.31 -4.05 2.29
C LYS A 14 1.05 -3.86 1.46
N CYS A 15 0.90 -2.66 0.91
CA CYS A 15 -0.28 -2.32 0.10
C CYS A 15 -0.29 -3.16 -1.18
N VAL A 16 -1.41 -3.84 -1.41
CA VAL A 16 -1.56 -4.67 -2.60
C VAL A 16 -1.87 -3.83 -3.84
N GLU A 17 -1.79 -2.51 -3.67
CA GLU A 17 -2.07 -1.60 -4.77
C GLU A 17 -0.79 -0.92 -5.24
N CYS A 18 0.11 -0.64 -4.31
CA CYS A 18 1.38 0.00 -4.62
C CYS A 18 2.55 -0.80 -4.07
N GLY A 19 2.34 -1.43 -2.92
CA GLY A 19 3.39 -2.21 -2.29
C GLY A 19 4.12 -1.46 -1.20
N LYS A 20 3.41 -0.54 -0.55
CA LYS A 20 4.00 0.26 0.52
C LYS A 20 4.38 -0.63 1.71
N GLY A 21 4.82 0.00 2.79
CA GLY A 21 5.21 -0.75 3.98
C GLY A 21 4.61 -0.16 5.25
N PHE A 22 3.88 -0.99 5.99
CA PHE A 22 3.26 -0.55 7.23
C PHE A 22 3.60 -1.50 8.37
N SER A 23 3.56 -0.98 9.59
CA SER A 23 3.86 -1.78 10.77
C SER A 23 2.59 -2.13 11.55
N ARG A 24 1.44 -1.89 10.92
CA ARG A 24 0.15 -2.18 11.54
C ARG A 24 -0.94 -2.33 10.49
N ARG A 25 -1.56 -3.51 10.46
CA ARG A 25 -2.62 -3.78 9.50
C ARG A 25 -3.46 -2.54 9.25
N SER A 26 -3.82 -1.85 10.33
CA SER A 26 -4.63 -0.64 10.23
C SER A 26 -3.89 0.45 9.47
N ALA A 27 -2.64 0.69 9.84
CA ALA A 27 -1.83 1.70 9.19
C ALA A 27 -1.82 1.52 7.68
N LEU A 28 -1.98 0.27 7.24
CA LEU A 28 -2.00 -0.05 5.81
C LEU A 28 -3.42 0.04 5.25
N ASN A 29 -4.38 -0.36 6.07
CA ASN A 29 -5.79 -0.33 5.65
C ASN A 29 -6.28 1.10 5.50
N VAL A 30 -5.70 2.01 6.28
CA VAL A 30 -6.08 3.42 6.21
C VAL A 30 -5.61 4.06 4.92
N HIS A 31 -4.38 3.73 4.52
CA HIS A 31 -3.81 4.28 3.29
C HIS A 31 -4.55 3.75 2.06
N HIS A 32 -5.22 2.62 2.23
CA HIS A 32 -5.96 2.01 1.13
C HIS A 32 -7.08 2.93 0.66
N LYS A 33 -7.76 3.58 1.60
CA LYS A 33 -8.85 4.49 1.28
C LYS A 33 -8.39 5.55 0.27
N LEU A 34 -7.10 5.79 0.23
CA LEU A 34 -6.52 6.77 -0.69
C LEU A 34 -6.55 6.26 -2.13
N HIS A 35 -6.27 4.97 -2.30
CA HIS A 35 -6.26 4.35 -3.61
C HIS A 35 -7.64 4.46 -4.26
N THR A 36 -8.65 3.94 -3.59
CA THR A 36 -10.01 3.97 -4.11
C THR A 36 -10.64 5.36 -3.93
N GLY A 37 -11.41 5.78 -4.92
CA GLY A 37 -12.06 7.08 -4.86
C GLY A 37 -13.25 7.09 -3.92
N GLU A 38 -13.81 8.27 -3.70
CA GLU A 38 -14.97 8.41 -2.82
C GLU A 38 -16.26 8.10 -3.56
N LYS A 39 -17.05 7.18 -3.01
CA LYS A 39 -18.31 6.80 -3.62
C LYS A 39 -19.49 7.22 -2.75
N PRO A 40 -20.61 7.57 -3.40
CA PRO A 40 -21.83 7.99 -2.69
C PRO A 40 -22.50 6.85 -1.94
N SER A 41 -22.76 7.06 -0.66
CA SER A 41 -23.40 6.04 0.17
C SER A 41 -22.67 4.71 0.04
N GLY A 42 -21.33 4.76 0.05
CA GLY A 42 -20.55 3.55 -0.08
C GLY A 42 -19.78 3.22 1.20
N PRO A 43 -20.47 2.60 2.17
CA PRO A 43 -19.87 2.23 3.44
C PRO A 43 -18.85 1.10 3.31
N SER A 44 -19.26 0.03 2.64
CA SER A 44 -18.39 -1.12 2.43
C SER A 44 -19.03 -2.15 1.52
N SER A 45 -18.30 -3.20 1.18
CA SER A 45 -18.81 -4.25 0.32
C SER A 45 -18.68 -5.62 0.98
N GLY A 46 -17.44 -6.00 1.29
CA GLY A 46 -17.21 -7.29 1.93
C GLY A 46 -17.87 -7.39 3.29
ZN ZN B . -1.06 1.85 -1.69
N GLY A 1 20.68 7.56 -7.65
CA GLY A 1 20.01 7.94 -6.43
C GLY A 1 18.68 7.24 -6.25
N SER A 2 17.72 7.93 -5.64
CA SER A 2 16.40 7.36 -5.41
C SER A 2 16.50 6.12 -4.51
N SER A 3 17.32 6.22 -3.48
CA SER A 3 17.51 5.10 -2.55
C SER A 3 16.56 5.23 -1.36
N GLY A 4 16.29 4.10 -0.70
CA GLY A 4 15.40 4.11 0.45
C GLY A 4 15.11 2.71 0.96
N SER A 5 14.01 2.14 0.49
CA SER A 5 13.62 0.80 0.92
C SER A 5 14.82 -0.13 0.99
N SER A 6 14.88 -0.94 2.04
CA SER A 6 15.99 -1.88 2.21
C SER A 6 15.55 -3.30 1.91
N GLY A 7 16.53 -4.18 1.69
CA GLY A 7 16.23 -5.57 1.39
C GLY A 7 16.04 -6.40 2.64
N THR A 8 17.01 -6.34 3.55
CA THR A 8 16.95 -7.09 4.78
C THR A 8 15.66 -6.81 5.55
N GLY A 9 15.43 -5.53 5.84
CA GLY A 9 14.23 -5.14 6.57
C GLY A 9 13.00 -5.06 5.67
N GLU A 10 12.06 -5.97 5.89
CA GLU A 10 10.84 -6.01 5.09
C GLU A 10 9.60 -6.00 5.99
N LYS A 11 8.82 -4.93 5.90
CA LYS A 11 7.61 -4.80 6.70
C LYS A 11 6.55 -5.81 6.26
N PRO A 12 5.83 -6.39 7.24
CA PRO A 12 4.78 -7.37 6.97
C PRO A 12 3.57 -6.74 6.31
N PHE A 13 3.25 -5.51 6.70
CA PHE A 13 2.10 -4.80 6.14
C PHE A 13 2.52 -3.90 4.98
N LYS A 14 2.03 -4.22 3.79
CA LYS A 14 2.35 -3.44 2.60
C LYS A 14 1.14 -3.33 1.68
N CYS A 15 0.88 -2.12 1.20
CA CYS A 15 -0.25 -1.88 0.31
C CYS A 15 -0.19 -2.80 -0.90
N VAL A 16 -1.31 -3.46 -1.20
CA VAL A 16 -1.38 -4.37 -2.33
C VAL A 16 -1.58 -3.60 -3.64
N GLU A 17 -1.42 -2.29 -3.58
CA GLU A 17 -1.59 -1.44 -4.76
C GLU A 17 -0.26 -0.81 -5.17
N CYS A 18 0.49 -0.33 -4.19
CA CYS A 18 1.78 0.30 -4.45
C CYS A 18 2.91 -0.52 -3.82
N GLY A 19 2.61 -1.19 -2.71
CA GLY A 19 3.60 -2.00 -2.04
C GLY A 19 4.33 -1.24 -0.95
N LYS A 20 3.67 -0.21 -0.42
CA LYS A 20 4.26 0.61 0.64
C LYS A 20 4.58 -0.24 1.87
N GLY A 21 5.17 0.38 2.88
CA GLY A 21 5.52 -0.33 4.10
C GLY A 21 4.88 0.29 5.33
N PHE A 22 4.17 -0.54 6.09
CA PHE A 22 3.51 -0.07 7.30
C PHE A 22 4.00 -0.84 8.52
N SER A 23 3.50 -0.47 9.70
CA SER A 23 3.89 -1.13 10.95
C SER A 23 2.75 -1.98 11.48
N ARG A 24 1.52 -1.51 11.28
CA ARG A 24 0.34 -2.24 11.76
C ARG A 24 -0.67 -2.42 10.62
N ARG A 25 -1.73 -3.16 10.91
CA ARG A 25 -2.77 -3.41 9.91
C ARG A 25 -3.57 -2.15 9.61
N SER A 26 -4.28 -1.65 10.62
CA SER A 26 -5.08 -0.45 10.46
C SER A 26 -4.34 0.60 9.63
N ALA A 27 -3.08 0.83 9.97
CA ALA A 27 -2.26 1.80 9.26
C ALA A 27 -2.26 1.52 7.76
N LEU A 28 -2.24 0.25 7.40
CA LEU A 28 -2.24 -0.16 6.00
C LEU A 28 -3.66 -0.15 5.42
N ASN A 29 -4.64 -0.40 6.29
CA ASN A 29 -6.04 -0.42 5.87
C ASN A 29 -6.54 1.01 5.58
N VAL A 30 -6.02 1.98 6.33
CA VAL A 30 -6.40 3.36 6.15
C VAL A 30 -5.86 3.93 4.84
N HIS A 31 -4.63 3.57 4.51
CA HIS A 31 -4.00 4.03 3.28
C HIS A 31 -4.61 3.34 2.07
N HIS A 32 -5.27 2.22 2.29
CA HIS A 32 -5.90 1.47 1.22
C HIS A 32 -7.02 2.28 0.57
N LYS A 33 -7.75 3.02 1.39
CA LYS A 33 -8.85 3.85 0.91
C LYS A 33 -8.37 4.87 -0.12
N LEU A 34 -7.05 5.05 -0.18
CA LEU A 34 -6.45 5.99 -1.12
C LEU A 34 -6.25 5.34 -2.49
N HIS A 35 -6.53 4.04 -2.57
CA HIS A 35 -6.39 3.30 -3.82
C HIS A 35 -7.74 2.83 -4.33
N THR A 36 -8.81 3.45 -3.83
CA THR A 36 -10.16 3.08 -4.23
C THR A 36 -10.82 4.19 -5.04
N GLY A 37 -11.55 3.82 -6.08
CA GLY A 37 -12.21 4.79 -6.92
C GLY A 37 -11.43 5.14 -8.16
N GLU A 38 -12.12 5.46 -9.25
CA GLU A 38 -11.47 5.81 -10.50
C GLU A 38 -10.20 6.61 -10.24
N LYS A 39 -9.10 6.18 -10.87
CA LYS A 39 -7.82 6.85 -10.71
C LYS A 39 -7.32 7.40 -12.05
N PRO A 40 -6.71 8.58 -12.01
CA PRO A 40 -6.17 9.24 -13.20
C PRO A 40 -4.96 8.51 -13.78
N SER A 41 -4.57 7.42 -13.12
CA SER A 41 -3.42 6.63 -13.57
C SER A 41 -3.77 5.82 -14.81
N GLY A 42 -5.03 5.90 -15.24
CA GLY A 42 -5.47 5.17 -16.41
C GLY A 42 -5.58 6.05 -17.64
N PRO A 43 -5.56 5.43 -18.83
CA PRO A 43 -5.66 6.16 -20.10
C PRO A 43 -7.06 6.74 -20.32
N SER A 44 -8.02 6.27 -19.54
CA SER A 44 -9.39 6.75 -19.66
C SER A 44 -9.59 8.03 -18.86
N SER A 45 -9.91 9.11 -19.56
CA SER A 45 -10.12 10.41 -18.92
C SER A 45 -11.43 11.04 -19.40
N GLY A 46 -12.44 11.01 -18.54
CA GLY A 46 -13.73 11.59 -18.89
C GLY A 46 -14.84 11.13 -17.98
ZN ZN B . -0.92 2.16 -1.64
N GLY A 1 27.64 -4.20 -7.23
CA GLY A 1 27.49 -3.07 -8.13
C GLY A 1 26.03 -2.78 -8.45
N SER A 2 25.66 -1.50 -8.42
CA SER A 2 24.29 -1.10 -8.71
C SER A 2 23.30 -1.94 -7.90
N SER A 3 23.56 -2.08 -6.61
CA SER A 3 22.70 -2.86 -5.73
C SER A 3 21.36 -2.16 -5.53
N GLY A 4 20.36 -2.93 -5.11
CA GLY A 4 19.04 -2.36 -4.88
C GLY A 4 18.59 -2.50 -3.44
N SER A 5 19.27 -1.80 -2.54
CA SER A 5 18.94 -1.85 -1.12
C SER A 5 18.54 -0.47 -0.61
N SER A 6 17.57 -0.45 0.31
CA SER A 6 17.10 0.81 0.88
C SER A 6 17.43 0.89 2.37
N GLY A 7 16.95 -0.08 3.13
CA GLY A 7 17.21 -0.10 4.56
C GLY A 7 16.03 -0.58 5.36
N THR A 8 15.31 0.34 5.97
CA THR A 8 14.15 0.00 6.78
C THR A 8 12.98 -0.43 5.91
N GLY A 9 12.76 -1.74 5.82
CA GLY A 9 11.68 -2.26 5.01
C GLY A 9 11.21 -3.63 5.49
N GLU A 10 10.99 -4.54 4.53
CA GLU A 10 10.53 -5.89 4.85
C GLU A 10 9.46 -5.85 5.93
N LYS A 11 8.42 -5.04 5.71
CA LYS A 11 7.33 -4.92 6.66
C LYS A 11 6.24 -5.96 6.38
N PRO A 12 5.56 -6.41 7.44
CA PRO A 12 4.49 -7.40 7.33
C PRO A 12 3.25 -6.85 6.64
N PHE A 13 3.03 -5.54 6.80
CA PHE A 13 1.87 -4.89 6.20
C PHE A 13 2.30 -3.99 5.04
N LYS A 14 2.00 -4.42 3.82
CA LYS A 14 2.35 -3.66 2.63
C LYS A 14 1.14 -3.48 1.73
N CYS A 15 1.00 -2.28 1.16
CA CYS A 15 -0.11 -1.98 0.27
C CYS A 15 -0.08 -2.88 -0.97
N VAL A 16 -1.22 -3.49 -1.28
CA VAL A 16 -1.33 -4.37 -2.43
C VAL A 16 -1.50 -3.57 -3.72
N GLU A 17 -1.31 -2.25 -3.62
CA GLU A 17 -1.45 -1.38 -4.78
C GLU A 17 -0.11 -0.76 -5.16
N CYS A 18 0.64 -0.34 -4.15
CA CYS A 18 1.95 0.28 -4.38
C CYS A 18 3.05 -0.56 -3.74
N GLY A 19 2.73 -1.22 -2.63
CA GLY A 19 3.71 -2.03 -1.93
C GLY A 19 4.38 -1.30 -0.80
N LYS A 20 3.75 -0.23 -0.33
CA LYS A 20 4.30 0.57 0.76
C LYS A 20 4.59 -0.30 1.97
N GLY A 21 5.21 0.28 2.99
CA GLY A 21 5.54 -0.46 4.20
C GLY A 21 4.95 0.17 5.44
N PHE A 22 4.13 -0.59 6.15
CA PHE A 22 3.49 -0.11 7.37
C PHE A 22 3.97 -0.88 8.59
N SER A 23 3.54 -0.45 9.77
CA SER A 23 3.93 -1.10 11.01
C SER A 23 2.73 -1.70 11.72
N ARG A 24 1.53 -1.30 11.28
CA ARG A 24 0.29 -1.80 11.88
C ARG A 24 -0.74 -2.09 10.79
N ARG A 25 -1.45 -3.21 10.95
CA ARG A 25 -2.46 -3.61 9.99
C ARG A 25 -3.31 -2.41 9.57
N SER A 26 -4.00 -1.81 10.54
CA SER A 26 -4.86 -0.67 10.27
C SER A 26 -4.11 0.39 9.46
N ALA A 27 -2.94 0.79 9.94
CA ALA A 27 -2.13 1.79 9.26
C ALA A 27 -2.07 1.52 7.77
N LEU A 28 -2.16 0.25 7.39
CA LEU A 28 -2.12 -0.15 5.99
C LEU A 28 -3.52 -0.15 5.38
N ASN A 29 -4.51 -0.48 6.21
CA ASN A 29 -5.90 -0.52 5.75
C ASN A 29 -6.43 0.89 5.49
N VAL A 30 -5.93 1.85 6.25
CA VAL A 30 -6.35 3.24 6.11
C VAL A 30 -5.79 3.85 4.82
N HIS A 31 -4.58 3.45 4.47
CA HIS A 31 -3.93 3.96 3.27
C HIS A 31 -4.56 3.36 2.01
N HIS A 32 -5.30 2.27 2.19
CA HIS A 32 -5.96 1.60 1.08
C HIS A 32 -7.09 2.46 0.51
N LYS A 33 -7.83 3.12 1.41
CA LYS A 33 -8.93 3.98 1.00
C LYS A 33 -8.48 4.97 -0.08
N LEU A 34 -7.18 5.26 -0.09
CA LEU A 34 -6.62 6.20 -1.07
C LEU A 34 -6.57 5.56 -2.46
N HIS A 35 -6.29 4.27 -2.50
CA HIS A 35 -6.22 3.54 -3.76
C HIS A 35 -7.61 3.22 -4.29
N THR A 36 -8.32 2.35 -3.58
CA THR A 36 -9.67 1.96 -3.98
C THR A 36 -10.53 3.18 -4.29
N GLY A 37 -11.65 2.95 -4.97
CA GLY A 37 -12.54 4.05 -5.32
C GLY A 37 -13.69 4.19 -4.33
N GLU A 38 -14.06 5.43 -4.04
CA GLU A 38 -15.15 5.70 -3.11
C GLU A 38 -16.50 5.45 -3.77
N LYS A 39 -16.74 6.15 -4.89
CA LYS A 39 -18.00 6.00 -5.62
C LYS A 39 -18.19 4.56 -6.10
N PRO A 40 -19.44 4.09 -6.07
CA PRO A 40 -19.79 2.73 -6.50
C PRO A 40 -19.65 2.55 -8.01
N SER A 41 -19.60 1.30 -8.44
CA SER A 41 -19.48 0.99 -9.86
C SER A 41 -20.77 0.40 -10.42
N GLY A 42 -21.29 -0.61 -9.73
CA GLY A 42 -22.52 -1.25 -10.16
C GLY A 42 -23.61 -1.17 -9.12
N PRO A 43 -24.61 -2.05 -9.23
CA PRO A 43 -25.74 -2.10 -8.30
C PRO A 43 -25.33 -2.60 -6.93
N SER A 44 -26.27 -2.52 -5.97
CA SER A 44 -25.99 -2.97 -4.61
C SER A 44 -24.70 -2.36 -4.08
N SER A 45 -24.50 -1.07 -4.35
CA SER A 45 -23.30 -0.37 -3.91
C SER A 45 -23.63 1.06 -3.51
N GLY A 46 -23.52 1.36 -2.22
CA GLY A 46 -23.79 2.70 -1.74
C GLY A 46 -23.01 3.03 -0.48
ZN ZN B . -0.71 2.16 -1.60
N GLY A 1 15.85 7.36 -18.96
CA GLY A 1 16.23 7.47 -17.56
C GLY A 1 16.65 6.14 -16.98
N SER A 2 16.14 5.84 -15.79
CA SER A 2 16.48 4.59 -15.11
C SER A 2 15.55 4.34 -13.92
N SER A 3 15.52 3.11 -13.44
CA SER A 3 14.67 2.75 -12.31
C SER A 3 15.09 1.39 -11.74
N GLY A 4 15.26 1.33 -10.43
CA GLY A 4 15.64 0.09 -9.78
C GLY A 4 15.00 -0.08 -8.42
N SER A 5 15.02 -1.30 -7.91
CA SER A 5 14.43 -1.60 -6.60
C SER A 5 15.24 -2.64 -5.86
N SER A 6 15.41 -2.44 -4.56
CA SER A 6 16.18 -3.36 -3.73
C SER A 6 15.29 -4.48 -3.19
N GLY A 7 15.89 -5.64 -2.94
CA GLY A 7 15.14 -6.77 -2.42
C GLY A 7 15.37 -6.99 -0.95
N THR A 8 14.55 -6.33 -0.13
CA THR A 8 14.66 -6.46 1.32
C THR A 8 13.30 -6.31 1.99
N GLY A 9 12.83 -7.39 2.62
CA GLY A 9 11.55 -7.37 3.29
C GLY A 9 11.66 -6.94 4.74
N GLU A 10 11.31 -5.69 5.02
CA GLU A 10 11.37 -5.16 6.38
C GLU A 10 9.98 -5.07 6.99
N LYS A 11 9.06 -4.46 6.26
CA LYS A 11 7.68 -4.30 6.73
C LYS A 11 6.83 -5.50 6.33
N PRO A 12 6.12 -6.07 7.32
CA PRO A 12 5.25 -7.23 7.09
C PRO A 12 4.02 -6.88 6.27
N PHE A 13 3.47 -5.69 6.51
CA PHE A 13 2.29 -5.23 5.80
C PHE A 13 2.66 -4.27 4.68
N LYS A 14 2.28 -4.61 3.45
CA LYS A 14 2.58 -3.78 2.29
C LYS A 14 1.35 -3.64 1.39
N CYS A 15 1.01 -2.40 1.05
CA CYS A 15 -0.14 -2.13 0.21
C CYS A 15 -0.12 -3.01 -1.03
N VAL A 16 -1.25 -3.64 -1.34
CA VAL A 16 -1.35 -4.51 -2.49
C VAL A 16 -1.60 -3.70 -3.76
N GLU A 17 -1.42 -2.39 -3.67
CA GLU A 17 -1.62 -1.50 -4.81
C GLU A 17 -0.32 -0.84 -5.23
N CYS A 18 0.52 -0.53 -4.24
CA CYS A 18 1.81 0.11 -4.50
C CYS A 18 2.94 -0.67 -3.85
N GLY A 19 2.64 -1.34 -2.74
CA GLY A 19 3.65 -2.11 -2.04
C GLY A 19 4.27 -1.36 -0.88
N LYS A 20 3.50 -0.44 -0.31
CA LYS A 20 3.98 0.36 0.81
C LYS A 20 4.51 -0.53 1.93
N GLY A 21 4.85 0.08 3.06
CA GLY A 21 5.36 -0.68 4.18
C GLY A 21 4.85 -0.16 5.51
N PHE A 22 3.82 -0.81 6.04
CA PHE A 22 3.23 -0.40 7.31
C PHE A 22 3.64 -1.35 8.43
N SER A 23 3.45 -0.92 9.67
CA SER A 23 3.81 -1.73 10.83
C SER A 23 2.56 -2.24 11.54
N ARG A 24 1.40 -1.72 11.14
CA ARG A 24 0.14 -2.12 11.74
C ARG A 24 -0.95 -2.24 10.68
N ARG A 25 -1.87 -3.18 10.88
CA ARG A 25 -2.97 -3.40 9.94
C ARG A 25 -3.63 -2.08 9.57
N SER A 26 -4.23 -1.43 10.57
CA SER A 26 -4.92 -0.17 10.34
C SER A 26 -4.08 0.76 9.46
N ALA A 27 -2.84 0.96 9.85
CA ALA A 27 -1.92 1.82 9.09
C ALA A 27 -1.98 1.50 7.61
N LEU A 28 -2.23 0.23 7.28
CA LEU A 28 -2.31 -0.20 5.90
C LEU A 28 -3.75 -0.16 5.40
N ASN A 29 -4.69 -0.27 6.32
CA ASN A 29 -6.11 -0.24 5.97
C ASN A 29 -6.57 1.18 5.69
N VAL A 30 -5.89 2.16 6.30
CA VAL A 30 -6.23 3.56 6.11
C VAL A 30 -5.70 4.08 4.77
N HIS A 31 -4.51 3.62 4.41
CA HIS A 31 -3.88 4.04 3.15
C HIS A 31 -4.59 3.42 1.95
N HIS A 32 -5.37 2.38 2.20
CA HIS A 32 -6.12 1.70 1.16
C HIS A 32 -7.27 2.57 0.64
N LYS A 33 -7.91 3.28 1.57
CA LYS A 33 -9.03 4.14 1.22
C LYS A 33 -8.59 5.23 0.26
N LEU A 34 -7.28 5.42 0.13
CA LEU A 34 -6.72 6.43 -0.76
C LEU A 34 -6.66 5.91 -2.19
N HIS A 35 -6.36 4.62 -2.35
CA HIS A 35 -6.27 4.00 -3.66
C HIS A 35 -7.63 3.95 -4.33
N THR A 36 -8.54 3.14 -3.77
CA THR A 36 -9.87 3.00 -4.31
C THR A 36 -10.59 4.34 -4.37
N GLY A 37 -11.00 4.74 -5.58
CA GLY A 37 -11.70 6.00 -5.74
C GLY A 37 -13.18 5.88 -5.47
N GLU A 38 -13.70 6.75 -4.60
CA GLU A 38 -15.11 6.73 -4.26
C GLU A 38 -15.98 6.63 -5.51
N LYS A 39 -16.64 5.48 -5.68
CA LYS A 39 -17.49 5.26 -6.83
C LYS A 39 -18.63 4.30 -6.49
N PRO A 40 -19.84 4.60 -6.99
CA PRO A 40 -21.02 3.78 -6.75
C PRO A 40 -20.96 2.44 -7.46
N SER A 41 -19.95 2.28 -8.31
CA SER A 41 -19.77 1.05 -9.07
C SER A 41 -20.02 -0.17 -8.19
N GLY A 42 -19.29 -0.25 -7.07
CA GLY A 42 -19.45 -1.36 -6.16
C GLY A 42 -20.10 -0.96 -4.86
N PRO A 43 -19.28 -0.48 -3.90
CA PRO A 43 -19.77 -0.05 -2.59
C PRO A 43 -20.59 1.24 -2.67
N SER A 44 -21.84 1.16 -2.21
CA SER A 44 -22.73 2.31 -2.23
C SER A 44 -22.37 3.30 -1.13
N SER A 45 -21.99 4.51 -1.53
CA SER A 45 -21.61 5.54 -0.57
C SER A 45 -20.50 5.05 0.35
N GLY A 46 -19.54 4.32 -0.21
CA GLY A 46 -18.44 3.80 0.59
C GLY A 46 -17.11 3.94 -0.12
ZN ZN B . -0.84 1.90 -1.76
N GLY A 1 30.44 -20.94 8.49
CA GLY A 1 29.77 -21.62 7.39
C GLY A 1 28.82 -20.70 6.64
N SER A 2 29.37 -19.92 5.72
CA SER A 2 28.57 -19.00 4.93
C SER A 2 27.82 -18.02 5.84
N SER A 3 28.52 -17.52 6.86
CA SER A 3 27.91 -16.58 7.79
C SER A 3 27.15 -15.48 7.06
N GLY A 4 26.21 -14.85 7.76
CA GLY A 4 25.42 -13.80 7.15
C GLY A 4 24.89 -12.82 8.18
N SER A 5 24.04 -11.89 7.73
CA SER A 5 23.46 -10.89 8.61
C SER A 5 22.27 -11.47 9.38
N SER A 6 21.73 -10.68 10.30
CA SER A 6 20.59 -11.11 11.11
C SER A 6 19.89 -9.91 11.75
N GLY A 7 18.58 -10.02 11.92
CA GLY A 7 17.82 -8.94 12.51
C GLY A 7 17.47 -7.86 11.52
N THR A 8 16.65 -8.20 10.53
CA THR A 8 16.24 -7.25 9.50
C THR A 8 14.88 -6.65 9.83
N GLY A 9 14.67 -5.40 9.40
CA GLY A 9 13.41 -4.73 9.66
C GLY A 9 12.56 -4.60 8.41
N GLU A 10 11.98 -5.70 7.96
CA GLU A 10 11.15 -5.70 6.77
C GLU A 10 9.67 -5.66 7.14
N LYS A 11 9.04 -4.52 6.90
CA LYS A 11 7.63 -4.35 7.21
C LYS A 11 6.78 -5.41 6.50
N PRO A 12 6.05 -6.21 7.28
CA PRO A 12 5.19 -7.26 6.74
C PRO A 12 3.97 -6.70 6.01
N PHE A 13 3.42 -5.61 6.54
CA PHE A 13 2.25 -4.98 5.94
C PHE A 13 2.64 -4.17 4.71
N LYS A 14 2.12 -4.55 3.56
CA LYS A 14 2.41 -3.85 2.31
C LYS A 14 1.15 -3.68 1.48
N CYS A 15 0.99 -2.50 0.89
CA CYS A 15 -0.18 -2.21 0.06
C CYS A 15 -0.14 -3.03 -1.23
N VAL A 16 -1.22 -3.77 -1.48
CA VAL A 16 -1.31 -4.59 -2.68
C VAL A 16 -1.62 -3.74 -3.90
N GLU A 17 -1.72 -2.44 -3.71
CA GLU A 17 -2.01 -1.52 -4.80
C GLU A 17 -0.73 -0.82 -5.28
N CYS A 18 0.14 -0.48 -4.33
CA CYS A 18 1.39 0.18 -4.67
C CYS A 18 2.58 -0.61 -4.14
N GLY A 19 2.42 -1.20 -2.96
CA GLY A 19 3.49 -1.99 -2.37
C GLY A 19 4.20 -1.25 -1.26
N LYS A 20 3.48 -0.34 -0.60
CA LYS A 20 4.05 0.44 0.50
C LYS A 20 4.48 -0.46 1.65
N GLY A 21 4.96 0.15 2.73
CA GLY A 21 5.38 -0.62 3.88
C GLY A 21 4.92 0.00 5.19
N PHE A 22 4.06 -0.70 5.91
CA PHE A 22 3.54 -0.22 7.19
C PHE A 22 4.03 -1.09 8.34
N SER A 23 3.58 -0.76 9.55
CA SER A 23 3.97 -1.52 10.74
C SER A 23 2.75 -2.15 11.40
N ARG A 24 1.57 -1.64 11.08
CA ARG A 24 0.32 -2.15 11.64
C ARG A 24 -0.72 -2.35 10.55
N ARG A 25 -1.66 -3.26 10.81
CA ARG A 25 -2.72 -3.55 9.85
C ARG A 25 -3.50 -2.29 9.51
N SER A 26 -4.14 -1.70 10.52
CA SER A 26 -4.94 -0.49 10.32
C SER A 26 -4.16 0.55 9.52
N ALA A 27 -2.96 0.88 10.01
CA ALA A 27 -2.11 1.85 9.33
C ALA A 27 -2.12 1.64 7.82
N LEU A 28 -2.14 0.38 7.40
CA LEU A 28 -2.15 0.05 5.99
C LEU A 28 -3.57 0.08 5.44
N ASN A 29 -4.53 -0.36 6.26
CA ASN A 29 -5.93 -0.39 5.84
C ASN A 29 -6.44 1.02 5.56
N VAL A 30 -5.93 1.99 6.30
CA VAL A 30 -6.34 3.38 6.13
C VAL A 30 -5.80 3.95 4.82
N HIS A 31 -4.54 3.63 4.52
CA HIS A 31 -3.91 4.11 3.29
C HIS A 31 -4.59 3.52 2.06
N HIS A 32 -5.31 2.42 2.26
CA HIS A 32 -6.01 1.76 1.16
C HIS A 32 -7.15 2.63 0.65
N LYS A 33 -7.85 3.27 1.56
CA LYS A 33 -8.96 4.15 1.19
C LYS A 33 -8.52 5.20 0.18
N LEU A 34 -7.22 5.49 0.16
CA LEU A 34 -6.67 6.48 -0.76
C LEU A 34 -6.68 5.96 -2.19
N HIS A 35 -6.35 4.67 -2.35
CA HIS A 35 -6.32 4.06 -3.67
C HIS A 35 -7.72 3.99 -4.27
N THR A 36 -8.63 3.32 -3.56
CA THR A 36 -10.00 3.17 -4.03
C THR A 36 -10.78 4.47 -3.84
N GLY A 37 -11.71 4.72 -4.76
CA GLY A 37 -12.51 5.93 -4.68
C GLY A 37 -13.08 6.33 -6.03
N GLU A 38 -13.41 5.34 -6.85
CA GLU A 38 -13.97 5.60 -8.17
C GLU A 38 -13.35 6.85 -8.79
N LYS A 39 -12.05 7.02 -8.58
CA LYS A 39 -11.34 8.18 -9.11
C LYS A 39 -10.36 7.75 -10.21
N PRO A 40 -10.91 7.36 -11.37
CA PRO A 40 -10.11 6.93 -12.51
C PRO A 40 -9.35 8.08 -13.15
N SER A 41 -8.06 8.18 -12.85
CA SER A 41 -7.22 9.24 -13.39
C SER A 41 -6.76 8.90 -14.81
N GLY A 42 -6.50 9.93 -15.61
CA GLY A 42 -6.05 9.71 -16.97
C GLY A 42 -7.08 10.18 -17.99
N PRO A 43 -6.86 11.40 -18.52
CA PRO A 43 -7.77 11.99 -19.52
C PRO A 43 -7.68 11.28 -20.86
N SER A 44 -8.71 11.46 -21.68
CA SER A 44 -8.76 10.83 -23.01
C SER A 44 -8.05 11.70 -24.05
N SER A 45 -8.51 12.93 -24.18
CA SER A 45 -7.93 13.86 -25.15
C SER A 45 -6.80 14.67 -24.51
N GLY A 46 -5.91 15.19 -25.34
CA GLY A 46 -4.79 15.98 -24.84
C GLY A 46 -5.23 17.15 -23.99
ZN ZN B . -0.96 1.91 -1.67
N GLY A 1 30.12 -16.63 -8.16
CA GLY A 1 29.61 -15.30 -8.49
C GLY A 1 29.28 -14.49 -7.24
N SER A 2 28.16 -13.78 -7.29
CA SER A 2 27.74 -12.96 -6.16
C SER A 2 26.39 -13.42 -5.62
N SER A 3 26.05 -12.95 -4.42
CA SER A 3 24.79 -13.33 -3.79
C SER A 3 24.25 -12.19 -2.92
N GLY A 4 22.95 -12.20 -2.69
CA GLY A 4 22.33 -11.17 -1.89
C GLY A 4 22.48 -11.41 -0.40
N SER A 5 21.62 -10.79 0.40
CA SER A 5 21.67 -10.95 1.84
C SER A 5 20.44 -10.31 2.50
N SER A 6 19.99 -10.89 3.61
CA SER A 6 18.83 -10.38 4.33
C SER A 6 19.26 -9.67 5.61
N GLY A 7 18.60 -8.57 5.91
CA GLY A 7 18.91 -7.81 7.11
C GLY A 7 17.72 -7.04 7.65
N THR A 8 17.89 -5.73 7.79
CA THR A 8 16.82 -4.87 8.29
C THR A 8 16.38 -3.87 7.22
N GLY A 9 15.09 -3.90 6.89
CA GLY A 9 14.56 -2.98 5.90
C GLY A 9 13.35 -3.54 5.18
N GLU A 10 12.31 -3.85 5.95
CA GLU A 10 11.08 -4.40 5.38
C GLU A 10 9.95 -4.40 6.40
N LYS A 11 8.72 -4.45 5.92
CA LYS A 11 7.55 -4.45 6.80
C LYS A 11 6.69 -5.68 6.55
N PRO A 12 6.00 -6.14 7.61
CA PRO A 12 5.13 -7.32 7.53
C PRO A 12 3.88 -7.07 6.70
N PHE A 13 3.51 -5.80 6.57
CA PHE A 13 2.33 -5.42 5.80
C PHE A 13 2.70 -4.46 4.67
N LYS A 14 2.09 -4.65 3.51
CA LYS A 14 2.37 -3.80 2.36
C LYS A 14 1.09 -3.56 1.54
N CYS A 15 0.98 -2.39 0.95
CA CYS A 15 -0.18 -2.04 0.14
C CYS A 15 -0.26 -2.92 -1.11
N VAL A 16 -1.42 -3.52 -1.34
CA VAL A 16 -1.62 -4.38 -2.50
C VAL A 16 -1.79 -3.56 -3.77
N GLU A 17 -1.66 -2.24 -3.64
CA GLU A 17 -1.80 -1.34 -4.77
C GLU A 17 -0.45 -0.79 -5.20
N CYS A 18 0.40 -0.48 -4.23
CA CYS A 18 1.72 0.07 -4.50
C CYS A 18 2.81 -0.79 -3.83
N GLY A 19 2.46 -1.40 -2.70
CA GLY A 19 3.41 -2.23 -1.99
C GLY A 19 4.11 -1.49 -0.87
N LYS A 20 3.46 -0.44 -0.37
CA LYS A 20 4.03 0.36 0.72
C LYS A 20 4.48 -0.52 1.88
N GLY A 21 4.98 0.10 2.93
CA GLY A 21 5.44 -0.65 4.08
C GLY A 21 4.77 -0.19 5.38
N PHE A 22 3.87 -1.01 5.90
CA PHE A 22 3.17 -0.68 7.13
C PHE A 22 3.49 -1.70 8.23
N SER A 23 3.38 -1.25 9.48
CA SER A 23 3.66 -2.12 10.62
C SER A 23 2.41 -2.31 11.48
N ARG A 24 1.29 -1.82 10.99
CA ARG A 24 0.02 -1.93 11.71
C ARG A 24 -1.15 -2.07 10.75
N ARG A 25 -1.87 -3.19 10.88
CA ARG A 25 -3.01 -3.45 10.01
C ARG A 25 -3.76 -2.16 9.68
N SER A 26 -4.24 -1.47 10.71
CA SER A 26 -4.97 -0.23 10.52
C SER A 26 -4.18 0.74 9.66
N ALA A 27 -2.89 0.87 9.95
CA ALA A 27 -2.01 1.76 9.20
C ALA A 27 -2.06 1.45 7.71
N LEU A 28 -2.16 0.16 7.38
CA LEU A 28 -2.21 -0.27 6.00
C LEU A 28 -3.64 -0.20 5.45
N ASN A 29 -4.61 -0.28 6.36
CA ASN A 29 -6.01 -0.22 5.98
C ASN A 29 -6.45 1.21 5.67
N VAL A 30 -5.82 2.16 6.35
CA VAL A 30 -6.14 3.58 6.16
C VAL A 30 -5.60 4.08 4.82
N HIS A 31 -4.38 3.65 4.48
CA HIS A 31 -3.76 4.06 3.24
C HIS A 31 -4.45 3.41 2.04
N HIS A 32 -5.15 2.32 2.30
CA HIS A 32 -5.86 1.60 1.25
C HIS A 32 -6.95 2.48 0.63
N LYS A 33 -7.63 3.25 1.47
CA LYS A 33 -8.69 4.13 1.01
C LYS A 33 -8.17 5.14 0.00
N LEU A 34 -6.86 5.34 0.00
CA LEU A 34 -6.22 6.27 -0.92
C LEU A 34 -6.12 5.68 -2.32
N HIS A 35 -6.46 4.40 -2.43
CA HIS A 35 -6.41 3.71 -3.72
C HIS A 35 -7.82 3.39 -4.22
N THR A 36 -8.70 3.04 -3.29
CA THR A 36 -10.08 2.70 -3.62
C THR A 36 -10.67 3.73 -4.59
N GLY A 37 -10.71 3.40 -5.87
CA GLY A 37 -11.25 4.31 -6.86
C GLY A 37 -12.60 3.85 -7.39
N GLU A 38 -13.64 4.06 -6.61
CA GLU A 38 -14.99 3.66 -7.01
C GLU A 38 -15.40 4.38 -8.29
N LYS A 39 -15.28 5.69 -8.29
CA LYS A 39 -15.64 6.50 -9.46
C LYS A 39 -15.18 5.82 -10.75
N PRO A 40 -16.11 5.69 -11.71
CA PRO A 40 -15.83 5.07 -13.00
C PRO A 40 -14.91 5.92 -13.87
N SER A 41 -13.72 5.41 -14.14
CA SER A 41 -12.75 6.13 -14.97
C SER A 41 -13.27 6.34 -16.38
N GLY A 42 -13.73 5.25 -17.00
CA GLY A 42 -14.26 5.33 -18.35
C GLY A 42 -15.19 4.19 -18.67
N PRO A 43 -16.48 4.36 -18.33
CA PRO A 43 -17.50 3.34 -18.58
C PRO A 43 -17.81 3.18 -20.07
N SER A 44 -18.01 4.30 -20.75
CA SER A 44 -18.32 4.29 -22.18
C SER A 44 -17.45 5.28 -22.93
N SER A 45 -16.20 4.88 -23.19
CA SER A 45 -15.25 5.72 -23.91
C SER A 45 -14.07 4.90 -24.42
N GLY A 46 -13.82 4.99 -25.73
CA GLY A 46 -12.72 4.26 -26.32
C GLY A 46 -13.16 3.43 -27.51
ZN ZN B . -0.85 2.16 -1.67
N GLY A 1 31.39 -0.19 -4.67
CA GLY A 1 30.88 -1.41 -4.09
C GLY A 1 29.85 -1.15 -3.00
N SER A 2 28.89 -2.06 -2.87
CA SER A 2 27.84 -1.92 -1.86
C SER A 2 27.13 -3.25 -1.63
N SER A 3 26.62 -3.43 -0.42
CA SER A 3 25.91 -4.67 -0.07
C SER A 3 24.40 -4.49 -0.20
N GLY A 4 23.90 -3.35 0.29
CA GLY A 4 22.48 -3.08 0.22
C GLY A 4 21.80 -3.13 1.57
N SER A 5 22.03 -4.23 2.30
CA SER A 5 21.44 -4.41 3.62
C SER A 5 22.11 -3.49 4.64
N SER A 6 21.62 -2.25 4.72
CA SER A 6 22.17 -1.27 5.66
C SER A 6 21.19 -0.98 6.79
N GLY A 7 19.92 -0.78 6.43
CA GLY A 7 18.90 -0.49 7.42
C GLY A 7 17.93 -1.64 7.58
N THR A 8 16.70 -1.31 8.00
CA THR A 8 15.67 -2.32 8.19
C THR A 8 14.50 -2.10 7.24
N GLY A 9 14.60 -2.69 6.05
CA GLY A 9 13.55 -2.55 5.05
C GLY A 9 12.71 -3.80 4.92
N GLU A 10 12.31 -4.37 6.06
CA GLU A 10 11.50 -5.58 6.07
C GLU A 10 10.17 -5.35 6.78
N LYS A 11 9.19 -4.82 6.05
CA LYS A 11 7.88 -4.56 6.62
C LYS A 11 6.94 -5.73 6.41
N PRO A 12 6.20 -6.10 7.47
CA PRO A 12 5.25 -7.22 7.43
C PRO A 12 4.04 -6.91 6.56
N PHE A 13 3.56 -5.67 6.64
CA PHE A 13 2.39 -5.25 5.86
C PHE A 13 2.82 -4.34 4.71
N LYS A 14 2.15 -4.50 3.57
CA LYS A 14 2.45 -3.69 2.39
C LYS A 14 1.23 -3.62 1.47
N CYS A 15 0.90 -2.40 1.04
CA CYS A 15 -0.24 -2.18 0.16
C CYS A 15 -0.15 -3.10 -1.06
N VAL A 16 -1.21 -3.85 -1.30
CA VAL A 16 -1.26 -4.77 -2.44
C VAL A 16 -1.53 -4.02 -3.74
N GLU A 17 -1.55 -2.68 -3.66
CA GLU A 17 -1.80 -1.85 -4.83
C GLU A 17 -0.52 -1.13 -5.26
N CYS A 18 0.31 -0.78 -4.28
CA CYS A 18 1.56 -0.09 -4.57
C CYS A 18 2.73 -0.77 -3.88
N GLY A 19 2.46 -1.36 -2.71
CA GLY A 19 3.51 -2.05 -1.97
C GLY A 19 4.06 -1.22 -0.83
N LYS A 20 3.26 -0.29 -0.33
CA LYS A 20 3.66 0.58 0.76
C LYS A 20 4.23 -0.23 1.92
N GLY A 21 4.55 0.45 3.02
CA GLY A 21 5.09 -0.23 4.17
C GLY A 21 4.46 0.24 5.47
N PHE A 22 3.80 -0.68 6.17
CA PHE A 22 3.14 -0.35 7.42
C PHE A 22 3.49 -1.37 8.50
N SER A 23 3.46 -0.94 9.76
CA SER A 23 3.77 -1.81 10.88
C SER A 23 2.50 -2.28 11.59
N ARG A 24 1.36 -2.04 10.95
CA ARG A 24 0.08 -2.45 11.51
C ARG A 24 -1.01 -2.41 10.45
N ARG A 25 -1.83 -3.46 10.41
CA ARG A 25 -2.92 -3.54 9.44
C ARG A 25 -3.69 -2.22 9.36
N SER A 26 -3.92 -1.62 10.51
CA SER A 26 -4.64 -0.35 10.58
C SER A 26 -4.02 0.67 9.63
N ALA A 27 -2.75 0.96 9.83
CA ALA A 27 -2.03 1.92 9.00
C ALA A 27 -2.13 1.54 7.52
N LEU A 28 -2.25 0.25 7.24
CA LEU A 28 -2.36 -0.24 5.88
C LEU A 28 -3.80 -0.16 5.38
N ASN A 29 -4.74 -0.23 6.32
CA ASN A 29 -6.16 -0.18 5.97
C ASN A 29 -6.59 1.26 5.66
N VAL A 30 -5.90 2.22 6.27
CA VAL A 30 -6.20 3.63 6.06
C VAL A 30 -5.65 4.11 4.73
N HIS A 31 -4.40 3.75 4.44
CA HIS A 31 -3.76 4.14 3.19
C HIS A 31 -4.51 3.59 1.99
N HIS A 32 -5.23 2.49 2.20
CA HIS A 32 -6.00 1.86 1.13
C HIS A 32 -7.09 2.79 0.62
N LYS A 33 -7.80 3.43 1.54
CA LYS A 33 -8.87 4.35 1.20
C LYS A 33 -8.39 5.39 0.19
N LEU A 34 -7.08 5.61 0.16
CA LEU A 34 -6.48 6.58 -0.76
C LEU A 34 -6.50 6.05 -2.19
N HIS A 35 -6.32 4.75 -2.35
CA HIS A 35 -6.32 4.12 -3.67
C HIS A 35 -7.73 4.11 -4.25
N THR A 36 -8.66 3.50 -3.52
CA THR A 36 -10.04 3.42 -3.97
C THR A 36 -10.70 4.79 -4.00
N GLY A 37 -10.34 5.59 -5.00
CA GLY A 37 -10.90 6.92 -5.12
C GLY A 37 -10.46 7.63 -6.39
N GLU A 38 -11.39 8.30 -7.05
CA GLU A 38 -11.09 9.02 -8.28
C GLU A 38 -10.07 8.26 -9.12
N LYS A 39 -10.20 6.93 -9.13
CA LYS A 39 -9.30 6.08 -9.89
C LYS A 39 -9.76 5.94 -11.34
N PRO A 40 -8.81 5.70 -12.25
CA PRO A 40 -9.11 5.53 -13.68
C PRO A 40 -9.86 4.24 -13.97
N SER A 41 -10.02 3.93 -15.25
CA SER A 41 -10.72 2.72 -15.67
C SER A 41 -9.98 1.48 -15.20
N GLY A 42 -8.69 1.39 -15.56
CA GLY A 42 -7.89 0.25 -15.16
C GLY A 42 -6.99 0.54 -13.98
N PRO A 43 -7.16 -0.23 -12.90
CA PRO A 43 -6.37 -0.07 -11.67
C PRO A 43 -4.92 -0.48 -11.86
N SER A 44 -4.09 -0.17 -10.87
CA SER A 44 -2.67 -0.50 -10.93
C SER A 44 -2.36 -1.70 -10.04
N SER A 45 -3.24 -2.70 -10.07
CA SER A 45 -3.06 -3.89 -9.26
C SER A 45 -1.61 -4.38 -9.31
N GLY A 46 -1.25 -5.24 -8.36
CA GLY A 46 0.11 -5.76 -8.32
C GLY A 46 0.19 -7.11 -7.64
ZN ZN B . -0.96 1.82 -1.76
N GLY A 1 17.17 -22.06 1.29
CA GLY A 1 18.21 -22.85 0.66
C GLY A 1 18.12 -22.82 -0.85
N SER A 2 18.86 -23.71 -1.51
CA SER A 2 18.86 -23.77 -2.96
C SER A 2 19.21 -22.41 -3.57
N SER A 3 20.19 -21.74 -2.98
CA SER A 3 20.62 -20.43 -3.45
C SER A 3 19.48 -19.42 -3.35
N GLY A 4 18.76 -19.47 -2.24
CA GLY A 4 17.65 -18.55 -2.03
C GLY A 4 18.11 -17.16 -1.62
N SER A 5 17.22 -16.19 -1.75
CA SER A 5 17.55 -14.81 -1.38
C SER A 5 16.30 -14.06 -0.95
N SER A 6 16.49 -12.99 -0.18
CA SER A 6 15.38 -12.18 0.31
C SER A 6 14.97 -11.14 -0.71
N GLY A 7 13.66 -10.93 -0.85
CA GLY A 7 13.16 -9.96 -1.80
C GLY A 7 12.87 -8.61 -1.16
N THR A 8 12.68 -7.59 -1.99
CA THR A 8 12.38 -6.25 -1.49
C THR A 8 11.14 -6.26 -0.60
N GLY A 9 11.36 -6.33 0.71
CA GLY A 9 10.25 -6.34 1.63
C GLY A 9 10.71 -6.57 3.07
N GLU A 10 10.70 -5.50 3.86
CA GLU A 10 11.11 -5.60 5.26
C GLU A 10 9.90 -5.59 6.19
N LYS A 11 9.04 -4.59 6.02
CA LYS A 11 7.84 -4.46 6.84
C LYS A 11 6.91 -5.65 6.62
N PRO A 12 6.20 -6.03 7.69
CA PRO A 12 5.25 -7.16 7.65
C PRO A 12 4.02 -6.84 6.82
N PHE A 13 3.58 -5.59 6.86
CA PHE A 13 2.40 -5.16 6.10
C PHE A 13 2.81 -4.28 4.93
N LYS A 14 2.16 -4.48 3.79
CA LYS A 14 2.45 -3.71 2.59
C LYS A 14 1.21 -3.58 1.72
N CYS A 15 1.00 -2.40 1.15
CA CYS A 15 -0.15 -2.15 0.29
C CYS A 15 -0.11 -3.05 -0.94
N VAL A 16 -1.28 -3.58 -1.31
CA VAL A 16 -1.37 -4.45 -2.47
C VAL A 16 -1.56 -3.64 -3.76
N GLU A 17 -1.39 -2.32 -3.65
CA GLU A 17 -1.54 -1.44 -4.80
C GLU A 17 -0.20 -0.80 -5.17
N CYS A 18 0.59 -0.48 -4.16
CA CYS A 18 1.89 0.15 -4.38
C CYS A 18 3.00 -0.68 -3.73
N GLY A 19 2.66 -1.37 -2.66
CA GLY A 19 3.64 -2.19 -1.96
C GLY A 19 4.32 -1.43 -0.83
N LYS A 20 3.67 -0.39 -0.34
CA LYS A 20 4.22 0.42 0.74
C LYS A 20 4.57 -0.45 1.94
N GLY A 21 4.99 0.20 3.03
CA GLY A 21 5.34 -0.53 4.24
C GLY A 21 4.72 0.07 5.48
N PHE A 22 3.95 -0.74 6.21
CA PHE A 22 3.30 -0.29 7.43
C PHE A 22 3.71 -1.13 8.63
N SER A 23 3.47 -0.62 9.83
CA SER A 23 3.82 -1.32 11.05
C SER A 23 2.59 -1.98 11.66
N ARG A 24 1.49 -1.98 10.94
CA ARG A 24 0.24 -2.58 11.41
C ARG A 24 -0.77 -2.68 10.27
N ARG A 25 -1.89 -3.33 10.55
CA ARG A 25 -2.95 -3.51 9.57
C ARG A 25 -3.84 -2.26 9.49
N SER A 26 -3.96 -1.56 10.61
CA SER A 26 -4.78 -0.36 10.69
C SER A 26 -4.21 0.75 9.80
N ALA A 27 -2.89 0.92 9.87
CA ALA A 27 -2.21 1.95 9.08
C ALA A 27 -2.29 1.63 7.59
N LEU A 28 -2.31 0.34 7.27
CA LEU A 28 -2.39 -0.11 5.87
C LEU A 28 -3.82 -0.04 5.36
N ASN A 29 -4.77 -0.31 6.24
CA ASN A 29 -6.18 -0.29 5.87
C ASN A 29 -6.64 1.14 5.58
N VAL A 30 -6.05 2.10 6.28
CA VAL A 30 -6.40 3.50 6.09
C VAL A 30 -5.84 4.04 4.78
N HIS A 31 -4.59 3.67 4.49
CA HIS A 31 -3.93 4.12 3.26
C HIS A 31 -4.60 3.50 2.03
N HIS A 32 -5.34 2.41 2.25
CA HIS A 32 -6.03 1.74 1.16
C HIS A 32 -7.13 2.62 0.59
N LYS A 33 -7.87 3.29 1.46
CA LYS A 33 -8.95 4.17 1.04
C LYS A 33 -8.49 5.14 -0.04
N LEU A 34 -7.20 5.46 -0.02
CA LEU A 34 -6.63 6.37 -1.01
C LEU A 34 -6.63 5.74 -2.40
N HIS A 35 -6.36 4.44 -2.45
CA HIS A 35 -6.34 3.73 -3.73
C HIS A 35 -7.76 3.51 -4.26
N THR A 36 -8.67 3.16 -3.35
CA THR A 36 -10.06 2.91 -3.73
C THR A 36 -10.83 4.23 -3.84
N GLY A 37 -10.21 5.23 -4.45
CA GLY A 37 -10.86 6.52 -4.61
C GLY A 37 -10.92 6.96 -6.06
N GLU A 38 -11.93 7.77 -6.38
CA GLU A 38 -12.10 8.26 -7.74
C GLU A 38 -11.79 7.17 -8.76
N LYS A 39 -11.97 5.92 -8.35
CA LYS A 39 -11.70 4.79 -9.23
C LYS A 39 -12.86 4.55 -10.20
N PRO A 40 -12.54 4.45 -11.50
CA PRO A 40 -13.54 4.22 -12.55
C PRO A 40 -14.15 2.83 -12.48
N SER A 41 -13.69 2.04 -11.50
CA SER A 41 -14.19 0.68 -11.33
C SER A 41 -13.94 -0.16 -12.58
N GLY A 42 -12.68 -0.18 -13.02
CA GLY A 42 -12.32 -0.93 -14.21
C GLY A 42 -13.11 -0.52 -15.43
N PRO A 43 -13.56 -1.50 -16.21
CA PRO A 43 -14.34 -1.25 -17.43
C PRO A 43 -15.74 -0.73 -17.13
N SER A 44 -16.14 0.33 -17.83
CA SER A 44 -17.46 0.92 -17.62
C SER A 44 -18.54 -0.15 -17.60
N SER A 45 -19.55 0.05 -16.75
CA SER A 45 -20.65 -0.90 -16.64
C SER A 45 -20.12 -2.32 -16.50
N GLY A 46 -19.09 -2.49 -15.68
CA GLY A 46 -18.51 -3.81 -15.47
C GLY A 46 -18.60 -4.26 -14.02
ZN ZN B . -0.89 1.93 -1.54
N GLY A 1 26.80 -10.42 3.21
CA GLY A 1 25.72 -10.49 4.17
C GLY A 1 25.15 -11.89 4.30
N SER A 2 24.48 -12.35 3.24
CA SER A 2 23.88 -13.68 3.23
C SER A 2 22.77 -13.77 4.27
N SER A 3 21.95 -12.73 4.35
CA SER A 3 20.85 -12.69 5.31
C SER A 3 19.51 -12.69 4.59
N GLY A 4 18.90 -13.85 4.46
CA GLY A 4 17.62 -13.97 3.79
C GLY A 4 16.54 -13.16 4.48
N SER A 5 15.95 -13.75 5.53
CA SER A 5 14.89 -13.08 6.28
C SER A 5 15.05 -13.33 7.77
N SER A 6 15.19 -12.26 8.54
CA SER A 6 15.35 -12.36 9.99
C SER A 6 14.00 -12.18 10.69
N GLY A 7 13.21 -11.23 10.22
CA GLY A 7 11.92 -10.97 10.82
C GLY A 7 11.77 -9.54 11.29
N THR A 8 12.34 -9.24 12.45
CA THR A 8 12.27 -7.90 13.03
C THR A 8 13.04 -6.90 12.17
N GLY A 9 12.32 -5.94 11.61
CA GLY A 9 12.96 -4.93 10.78
C GLY A 9 12.07 -4.46 9.65
N GLU A 10 12.17 -5.12 8.49
CA GLU A 10 11.36 -4.76 7.34
C GLU A 10 9.88 -4.68 7.71
N LYS A 11 9.08 -4.17 6.78
CA LYS A 11 7.64 -4.04 7.01
C LYS A 11 6.88 -5.21 6.39
N PRO A 12 6.19 -5.99 7.24
CA PRO A 12 5.42 -7.15 6.79
C PRO A 12 4.19 -6.76 6.00
N PHE A 13 3.50 -5.72 6.46
CA PHE A 13 2.30 -5.24 5.78
C PHE A 13 2.66 -4.38 4.58
N LYS A 14 2.18 -4.79 3.40
CA LYS A 14 2.45 -4.06 2.16
C LYS A 14 1.16 -3.83 1.37
N CYS A 15 0.99 -2.61 0.87
CA CYS A 15 -0.20 -2.26 0.09
C CYS A 15 -0.27 -3.10 -1.17
N VAL A 16 -1.39 -3.79 -1.37
CA VAL A 16 -1.61 -4.62 -2.54
C VAL A 16 -1.93 -3.77 -3.77
N GLU A 17 -1.82 -2.46 -3.62
CA GLU A 17 -2.11 -1.54 -4.71
C GLU A 17 -0.83 -0.88 -5.22
N CYS A 18 0.08 -0.57 -4.30
CA CYS A 18 1.34 0.07 -4.65
C CYS A 18 2.52 -0.73 -4.10
N GLY A 19 2.31 -1.40 -2.98
CA GLY A 19 3.37 -2.19 -2.36
C GLY A 19 4.11 -1.42 -1.29
N LYS A 20 3.42 -0.49 -0.65
CA LYS A 20 4.02 0.32 0.41
C LYS A 20 4.46 -0.55 1.58
N GLY A 21 4.93 0.09 2.65
CA GLY A 21 5.37 -0.65 3.82
C GLY A 21 4.81 -0.07 5.10
N PHE A 22 4.06 -0.89 5.84
CA PHE A 22 3.47 -0.46 7.10
C PHE A 22 3.99 -1.29 8.27
N SER A 23 3.50 -0.99 9.47
CA SER A 23 3.92 -1.70 10.66
C SER A 23 2.75 -2.46 11.28
N ARG A 24 1.54 -2.04 10.96
CA ARG A 24 0.34 -2.68 11.48
C ARG A 24 -0.72 -2.84 10.38
N ARG A 25 -1.88 -3.33 10.77
CA ARG A 25 -2.97 -3.53 9.81
C ARG A 25 -3.69 -2.22 9.52
N SER A 26 -4.15 -1.56 10.58
CA SER A 26 -4.86 -0.29 10.45
C SER A 26 -4.09 0.67 9.55
N ALA A 27 -2.84 0.95 9.92
CA ALA A 27 -2.00 1.85 9.15
C ALA A 27 -2.09 1.54 7.66
N LEU A 28 -2.24 0.27 7.33
CA LEU A 28 -2.35 -0.15 5.93
C LEU A 28 -3.77 -0.04 5.43
N ASN A 29 -4.73 -0.29 6.33
CA ASN A 29 -6.15 -0.21 5.98
C ASN A 29 -6.55 1.23 5.64
N VAL A 30 -5.94 2.17 6.34
CA VAL A 30 -6.24 3.59 6.12
C VAL A 30 -5.67 4.07 4.79
N HIS A 31 -4.43 3.70 4.52
CA HIS A 31 -3.78 4.08 3.26
C HIS A 31 -4.53 3.53 2.06
N HIS A 32 -5.25 2.43 2.28
CA HIS A 32 -6.02 1.80 1.21
C HIS A 32 -7.08 2.75 0.66
N LYS A 33 -7.79 3.43 1.57
CA LYS A 33 -8.83 4.36 1.18
C LYS A 33 -8.29 5.41 0.20
N LEU A 34 -6.99 5.63 0.25
CA LEU A 34 -6.35 6.60 -0.63
C LEU A 34 -6.39 6.12 -2.09
N HIS A 35 -6.19 4.83 -2.28
CA HIS A 35 -6.20 4.24 -3.61
C HIS A 35 -7.62 4.24 -4.20
N THR A 36 -8.54 3.64 -3.46
CA THR A 36 -9.94 3.58 -3.90
C THR A 36 -10.68 4.87 -3.58
N GLY A 37 -11.29 5.46 -4.60
CA GLY A 37 -12.03 6.69 -4.41
C GLY A 37 -12.62 7.23 -5.69
N GLU A 38 -11.75 7.57 -6.64
CA GLU A 38 -12.19 8.10 -7.92
C GLU A 38 -12.51 6.97 -8.90
N LYS A 39 -13.58 7.15 -9.66
CA LYS A 39 -13.99 6.14 -10.64
C LYS A 39 -14.22 6.77 -12.01
N PRO A 40 -14.05 5.96 -13.07
CA PRO A 40 -14.23 6.42 -14.45
C PRO A 40 -15.69 6.71 -14.78
N SER A 41 -16.58 5.80 -14.38
CA SER A 41 -17.99 5.95 -14.64
C SER A 41 -18.81 5.72 -13.37
N GLY A 42 -18.96 6.78 -12.57
CA GLY A 42 -19.71 6.66 -11.34
C GLY A 42 -20.91 7.58 -11.30
N PRO A 43 -21.80 7.37 -10.33
CA PRO A 43 -23.02 8.17 -10.18
C PRO A 43 -22.72 9.59 -9.71
N SER A 44 -22.95 10.57 -10.58
CA SER A 44 -22.70 11.96 -10.26
C SER A 44 -23.63 12.44 -9.15
N SER A 45 -23.04 12.73 -7.98
CA SER A 45 -23.82 13.18 -6.84
C SER A 45 -23.61 14.68 -6.61
N GLY A 46 -24.36 15.23 -5.66
CA GLY A 46 -24.24 16.65 -5.37
C GLY A 46 -24.61 16.97 -3.93
ZN ZN B . -0.94 1.93 -1.64
N GLY A 1 23.80 -7.43 -13.90
CA GLY A 1 24.21 -6.87 -12.61
C GLY A 1 23.31 -7.31 -11.48
N SER A 2 23.11 -6.42 -10.51
CA SER A 2 22.27 -6.72 -9.36
C SER A 2 21.94 -5.46 -8.58
N SER A 3 20.64 -5.19 -8.40
CA SER A 3 20.19 -4.01 -7.68
C SER A 3 19.00 -4.34 -6.79
N GLY A 4 19.08 -3.95 -5.52
CA GLY A 4 18.00 -4.21 -4.59
C GLY A 4 18.02 -3.27 -3.40
N SER A 5 17.48 -3.73 -2.28
CA SER A 5 17.42 -2.91 -1.07
C SER A 5 17.68 -3.77 0.17
N SER A 6 18.84 -3.58 0.79
CA SER A 6 19.20 -4.34 1.99
C SER A 6 18.01 -4.42 2.95
N GLY A 7 17.35 -3.29 3.18
CA GLY A 7 16.22 -3.25 4.07
C GLY A 7 14.97 -3.86 3.46
N THR A 8 15.00 -5.17 3.25
CA THR A 8 13.87 -5.87 2.65
C THR A 8 12.83 -6.22 3.72
N GLY A 9 13.23 -7.04 4.69
CA GLY A 9 12.32 -7.44 5.74
C GLY A 9 12.23 -6.40 6.84
N GLU A 10 11.47 -5.34 6.59
CA GLU A 10 11.30 -4.27 7.57
C GLU A 10 9.84 -4.14 7.98
N LYS A 11 8.94 -4.15 6.99
CA LYS A 11 7.52 -4.03 7.26
C LYS A 11 6.75 -5.17 6.59
N PRO A 12 6.02 -5.95 7.42
CA PRO A 12 5.23 -7.09 6.93
C PRO A 12 4.01 -6.64 6.12
N PHE A 13 3.36 -5.58 6.58
CA PHE A 13 2.18 -5.05 5.89
C PHE A 13 2.59 -4.20 4.70
N LYS A 14 1.81 -4.28 3.62
CA LYS A 14 2.09 -3.51 2.41
C LYS A 14 0.83 -3.35 1.57
N CYS A 15 0.67 -2.19 0.95
CA CYS A 15 -0.48 -1.91 0.11
C CYS A 15 -0.53 -2.86 -1.08
N VAL A 16 -1.71 -3.43 -1.32
CA VAL A 16 -1.90 -4.36 -2.44
C VAL A 16 -2.09 -3.61 -3.75
N GLU A 17 -1.90 -2.30 -3.71
CA GLU A 17 -2.04 -1.47 -4.91
C GLU A 17 -0.71 -0.90 -5.35
N CYS A 18 0.17 -0.61 -4.38
CA CYS A 18 1.48 -0.07 -4.67
C CYS A 18 2.57 -0.88 -3.97
N GLY A 19 2.24 -1.41 -2.80
CA GLY A 19 3.21 -2.20 -2.05
C GLY A 19 3.87 -1.41 -0.95
N LYS A 20 3.13 -0.48 -0.35
CA LYS A 20 3.66 0.35 0.73
C LYS A 20 4.28 -0.51 1.82
N GLY A 21 4.69 0.13 2.90
CA GLY A 21 5.30 -0.59 4.01
C GLY A 21 4.81 -0.11 5.36
N PHE A 22 3.93 -0.89 5.97
CA PHE A 22 3.38 -0.54 7.28
C PHE A 22 3.74 -1.58 8.32
N SER A 23 3.75 -1.17 9.59
CA SER A 23 4.08 -2.08 10.68
C SER A 23 2.84 -2.85 11.14
N ARG A 24 1.68 -2.23 10.99
CA ARG A 24 0.43 -2.86 11.40
C ARG A 24 -0.58 -2.84 10.25
N ARG A 25 -1.69 -3.54 10.44
CA ARG A 25 -2.73 -3.61 9.42
C ARG A 25 -3.46 -2.27 9.30
N SER A 26 -3.85 -1.71 10.44
CA SER A 26 -4.56 -0.44 10.46
C SER A 26 -3.89 0.58 9.54
N ALA A 27 -2.63 0.89 9.83
CA ALA A 27 -1.87 1.84 9.02
C ALA A 27 -1.99 1.52 7.54
N LEU A 28 -2.02 0.23 7.23
CA LEU A 28 -2.13 -0.22 5.84
C LEU A 28 -3.57 -0.16 5.35
N ASN A 29 -4.51 -0.23 6.29
CA ASN A 29 -5.93 -0.18 5.96
C ASN A 29 -6.37 1.25 5.64
N VAL A 30 -5.73 2.21 6.31
CA VAL A 30 -6.05 3.62 6.11
C VAL A 30 -5.50 4.12 4.78
N HIS A 31 -4.29 3.68 4.45
CA HIS A 31 -3.65 4.09 3.19
C HIS A 31 -4.33 3.42 2.00
N HIS A 32 -5.08 2.36 2.27
CA HIS A 32 -5.78 1.64 1.21
C HIS A 32 -6.91 2.50 0.62
N LYS A 33 -7.59 3.24 1.48
CA LYS A 33 -8.68 4.09 1.05
C LYS A 33 -8.19 5.13 0.04
N LEU A 34 -6.88 5.32 -0.02
CA LEU A 34 -6.28 6.28 -0.94
C LEU A 34 -6.17 5.69 -2.34
N HIS A 35 -6.53 4.42 -2.47
CA HIS A 35 -6.47 3.73 -3.75
C HIS A 35 -7.87 3.43 -4.28
N THR A 36 -8.87 4.09 -3.71
CA THR A 36 -10.25 3.88 -4.11
C THR A 36 -10.83 5.14 -4.74
N GLY A 37 -10.04 5.81 -5.57
CA GLY A 37 -10.48 7.02 -6.23
C GLY A 37 -9.58 7.43 -7.37
N GLU A 38 -8.78 8.47 -7.15
CA GLU A 38 -7.87 8.96 -8.18
C GLU A 38 -7.04 7.82 -8.76
N LYS A 39 -6.78 7.90 -10.07
CA LYS A 39 -6.00 6.87 -10.74
C LYS A 39 -4.60 6.75 -10.13
N PRO A 40 -4.26 5.53 -9.66
CA PRO A 40 -2.97 5.25 -9.05
C PRO A 40 -1.83 5.30 -10.06
N SER A 41 -2.09 4.83 -11.27
CA SER A 41 -1.09 4.80 -12.33
C SER A 41 -1.76 4.80 -13.71
N GLY A 42 -1.24 5.64 -14.60
CA GLY A 42 -1.78 5.72 -15.94
C GLY A 42 -0.76 6.19 -16.96
N PRO A 43 -1.19 6.29 -18.23
CA PRO A 43 -0.32 6.72 -19.32
C PRO A 43 0.04 8.20 -19.22
N SER A 44 1.33 8.50 -19.30
CA SER A 44 1.81 9.87 -19.21
C SER A 44 0.99 10.67 -18.21
N SER A 45 0.70 10.05 -17.07
CA SER A 45 -0.09 10.70 -16.02
C SER A 45 0.81 11.48 -15.07
N GLY A 46 0.20 12.35 -14.27
CA GLY A 46 0.98 13.15 -13.33
C GLY A 46 0.71 12.75 -11.89
ZN ZN B . -0.91 2.08 -1.83
N GLY A 1 17.64 3.34 -3.17
CA GLY A 1 17.89 4.28 -4.26
C GLY A 1 18.52 5.57 -3.77
N SER A 2 17.69 6.56 -3.49
CA SER A 2 18.17 7.86 -3.03
C SER A 2 19.03 7.69 -1.77
N SER A 3 20.09 8.49 -1.69
CA SER A 3 21.00 8.43 -0.54
C SER A 3 20.27 8.81 0.75
N GLY A 4 19.77 7.81 1.46
CA GLY A 4 19.07 8.06 2.71
C GLY A 4 17.85 7.16 2.86
N SER A 5 16.93 7.57 3.74
CA SER A 5 15.72 6.79 3.98
C SER A 5 16.01 5.30 3.98
N SER A 6 17.13 4.92 4.59
CA SER A 6 17.53 3.52 4.64
C SER A 6 17.81 3.09 6.09
N GLY A 7 16.75 2.74 6.80
CA GLY A 7 16.90 2.32 8.19
C GLY A 7 16.05 1.11 8.52
N THR A 8 14.79 1.15 8.11
CA THR A 8 13.86 0.05 8.37
C THR A 8 14.21 -1.17 7.53
N GLY A 9 13.81 -2.35 8.00
CA GLY A 9 14.09 -3.58 7.27
C GLY A 9 12.95 -3.98 6.36
N GLU A 10 12.11 -4.90 6.83
CA GLU A 10 10.97 -5.37 6.06
C GLU A 10 9.70 -5.37 6.90
N LYS A 11 8.63 -4.83 6.34
CA LYS A 11 7.35 -4.76 7.04
C LYS A 11 6.39 -5.83 6.51
N PRO A 12 5.64 -6.46 7.43
CA PRO A 12 4.67 -7.50 7.08
C PRO A 12 3.46 -6.94 6.34
N PHE A 13 3.11 -5.70 6.64
CA PHE A 13 1.97 -5.05 6.00
C PHE A 13 2.43 -4.17 4.84
N LYS A 14 2.01 -4.54 3.63
CA LYS A 14 2.38 -3.79 2.44
C LYS A 14 1.17 -3.61 1.52
N CYS A 15 0.97 -2.39 1.03
CA CYS A 15 -0.14 -2.09 0.15
C CYS A 15 -0.08 -2.96 -1.11
N VAL A 16 -1.18 -3.67 -1.39
CA VAL A 16 -1.25 -4.54 -2.55
C VAL A 16 -1.46 -3.72 -3.82
N GLU A 17 -1.55 -2.41 -3.68
CA GLU A 17 -1.74 -1.52 -4.82
C GLU A 17 -0.42 -0.92 -5.29
N CYS A 18 0.43 -0.56 -4.33
CA CYS A 18 1.73 0.02 -4.64
C CYS A 18 2.85 -0.80 -4.01
N GLY A 19 2.60 -1.33 -2.81
CA GLY A 19 3.59 -2.12 -2.13
C GLY A 19 4.27 -1.37 -1.00
N LYS A 20 3.60 -0.32 -0.52
CA LYS A 20 4.13 0.49 0.57
C LYS A 20 4.51 -0.38 1.76
N GLY A 21 4.92 0.26 2.85
CA GLY A 21 5.30 -0.48 4.05
C GLY A 21 4.77 0.16 5.32
N PHE A 22 4.03 -0.62 6.09
CA PHE A 22 3.46 -0.13 7.34
C PHE A 22 3.84 -1.03 8.51
N SER A 23 3.70 -0.52 9.72
CA SER A 23 4.04 -1.27 10.92
C SER A 23 2.87 -2.15 11.36
N ARG A 24 1.65 -1.66 11.16
CA ARG A 24 0.46 -2.39 11.53
C ARG A 24 -0.55 -2.41 10.38
N ARG A 25 -1.44 -3.40 10.39
CA ARG A 25 -2.45 -3.53 9.35
C ARG A 25 -3.32 -2.28 9.26
N SER A 26 -3.91 -1.91 10.39
CA SER A 26 -4.76 -0.73 10.45
C SER A 26 -4.14 0.44 9.69
N ALA A 27 -2.91 0.78 10.07
CA ALA A 27 -2.20 1.88 9.43
C ALA A 27 -2.13 1.69 7.92
N LEU A 28 -2.16 0.43 7.49
CA LEU A 28 -2.10 0.10 6.07
C LEU A 28 -3.49 0.08 5.46
N ASN A 29 -4.49 -0.17 6.30
CA ASN A 29 -5.88 -0.23 5.84
C ASN A 29 -6.42 1.17 5.57
N VAL A 30 -5.82 2.17 6.22
CA VAL A 30 -6.25 3.56 6.05
C VAL A 30 -5.73 4.12 4.74
N HIS A 31 -4.47 3.81 4.42
CA HIS A 31 -3.86 4.29 3.19
C HIS A 31 -4.50 3.65 1.97
N HIS A 32 -5.19 2.53 2.18
CA HIS A 32 -5.85 1.83 1.09
C HIS A 32 -7.11 2.56 0.65
N LYS A 33 -7.79 3.18 1.61
CA LYS A 33 -9.01 3.93 1.32
C LYS A 33 -8.76 5.00 0.27
N LEU A 34 -7.50 5.35 0.08
CA LEU A 34 -7.12 6.37 -0.89
C LEU A 34 -7.07 5.78 -2.30
N HIS A 35 -6.65 4.52 -2.40
CA HIS A 35 -6.56 3.84 -3.69
C HIS A 35 -7.96 3.66 -4.30
N THR A 36 -8.87 3.10 -3.50
CA THR A 36 -10.24 2.87 -3.97
C THR A 36 -11.05 4.16 -3.93
N GLY A 37 -11.84 4.38 -4.98
CA GLY A 37 -12.66 5.57 -5.05
C GLY A 37 -12.38 6.41 -6.28
N GLU A 38 -11.11 6.76 -6.47
CA GLU A 38 -10.70 7.57 -7.62
C GLU A 38 -11.50 7.17 -8.86
N LYS A 39 -11.42 5.90 -9.22
CA LYS A 39 -12.12 5.40 -10.40
C LYS A 39 -13.13 4.31 -10.01
N PRO A 40 -14.12 4.08 -10.88
CA PRO A 40 -15.16 3.08 -10.64
C PRO A 40 -14.62 1.65 -10.71
N SER A 41 -14.76 0.91 -9.61
CA SER A 41 -14.28 -0.46 -9.55
C SER A 41 -14.54 -1.19 -10.86
N GLY A 42 -13.46 -1.51 -11.57
CA GLY A 42 -13.58 -2.20 -12.84
C GLY A 42 -12.60 -3.36 -12.97
N PRO A 43 -12.80 -4.40 -12.15
CA PRO A 43 -11.94 -5.58 -12.15
C PRO A 43 -12.12 -6.42 -13.41
N SER A 44 -11.37 -7.51 -13.50
CA SER A 44 -11.43 -8.40 -14.66
C SER A 44 -10.80 -9.75 -14.35
N SER A 45 -11.51 -10.82 -14.67
CA SER A 45 -11.02 -12.17 -14.42
C SER A 45 -9.69 -12.41 -15.13
N GLY A 46 -8.77 -13.09 -14.46
CA GLY A 46 -7.47 -13.36 -15.04
C GLY A 46 -6.84 -12.12 -15.65
ZN ZN B . -0.98 2.07 -1.75
N GLY A 1 25.17 1.03 -4.92
CA GLY A 1 24.73 -0.35 -4.78
C GLY A 1 25.35 -1.04 -3.59
N SER A 2 25.44 -0.33 -2.47
CA SER A 2 26.03 -0.89 -1.26
C SER A 2 25.61 -0.08 -0.04
N SER A 3 25.26 -0.78 1.04
CA SER A 3 24.84 -0.12 2.27
C SER A 3 24.90 -1.09 3.45
N GLY A 4 24.82 -0.55 4.66
CA GLY A 4 24.88 -1.38 5.85
C GLY A 4 24.13 -2.69 5.68
N SER A 5 22.80 -2.62 5.73
CA SER A 5 21.98 -3.81 5.58
C SER A 5 21.75 -4.14 4.11
N SER A 6 21.11 -5.27 3.85
CA SER A 6 20.84 -5.70 2.49
C SER A 6 19.35 -5.63 2.18
N GLY A 7 18.95 -4.53 1.53
CA GLY A 7 17.55 -4.34 1.19
C GLY A 7 16.80 -3.53 2.22
N THR A 8 15.73 -2.88 1.79
CA THR A 8 14.92 -2.06 2.69
C THR A 8 13.44 -2.33 2.49
N GLY A 9 12.75 -2.68 3.58
CA GLY A 9 11.33 -2.96 3.50
C GLY A 9 10.93 -4.17 4.31
N GLU A 10 11.47 -4.27 5.52
CA GLU A 10 11.17 -5.40 6.40
C GLU A 10 9.68 -5.45 6.74
N LYS A 11 9.09 -4.28 6.94
CA LYS A 11 7.68 -4.17 7.27
C LYS A 11 6.88 -5.26 6.57
N PRO A 12 6.15 -6.07 7.36
CA PRO A 12 5.32 -7.16 6.84
C PRO A 12 4.12 -6.65 6.06
N PHE A 13 3.48 -5.61 6.58
CA PHE A 13 2.30 -5.04 5.94
C PHE A 13 2.70 -4.19 4.74
N LYS A 14 2.00 -4.38 3.63
CA LYS A 14 2.28 -3.64 2.40
C LYS A 14 1.01 -3.43 1.58
N CYS A 15 0.87 -2.26 0.99
CA CYS A 15 -0.30 -1.94 0.17
C CYS A 15 -0.38 -2.86 -1.04
N VAL A 16 -1.57 -3.42 -1.26
CA VAL A 16 -1.80 -4.32 -2.39
C VAL A 16 -1.98 -3.53 -3.69
N GLU A 17 -1.72 -2.23 -3.63
CA GLU A 17 -1.85 -1.38 -4.80
C GLU A 17 -0.50 -0.83 -5.24
N CYS A 18 0.33 -0.46 -4.27
CA CYS A 18 1.64 0.09 -4.55
C CYS A 18 2.73 -0.76 -3.90
N GLY A 19 2.38 -1.41 -2.79
CA GLY A 19 3.34 -2.24 -2.09
C GLY A 19 4.06 -1.50 -0.98
N LYS A 20 3.44 -0.42 -0.49
CA LYS A 20 4.03 0.38 0.58
C LYS A 20 4.47 -0.50 1.74
N GLY A 21 4.95 0.14 2.81
CA GLY A 21 5.40 -0.60 3.98
C GLY A 21 4.81 -0.05 5.27
N PHE A 22 4.05 -0.87 5.98
CA PHE A 22 3.45 -0.45 7.23
C PHE A 22 3.90 -1.35 8.39
N SER A 23 3.43 -1.04 9.59
CA SER A 23 3.80 -1.81 10.77
C SER A 23 2.56 -2.36 11.47
N ARG A 24 1.40 -1.78 11.15
CA ARG A 24 0.14 -2.20 11.75
C ARG A 24 -0.92 -2.39 10.67
N ARG A 25 -1.91 -3.24 10.97
CA ARG A 25 -2.99 -3.52 10.02
C ARG A 25 -3.71 -2.23 9.64
N SER A 26 -4.29 -1.56 10.63
CA SER A 26 -5.02 -0.33 10.39
C SER A 26 -4.17 0.65 9.57
N ALA A 27 -2.90 0.73 9.90
CA ALA A 27 -1.97 1.63 9.20
C ALA A 27 -2.00 1.36 7.69
N LEU A 28 -2.19 0.10 7.33
CA LEU A 28 -2.23 -0.29 5.92
C LEU A 28 -3.65 -0.20 5.37
N ASN A 29 -4.63 -0.38 6.25
CA ASN A 29 -6.04 -0.31 5.86
C ASN A 29 -6.46 1.12 5.57
N VAL A 30 -5.86 2.06 6.30
CA VAL A 30 -6.18 3.47 6.12
C VAL A 30 -5.59 4.00 4.82
N HIS A 31 -4.39 3.54 4.48
CA HIS A 31 -3.73 3.96 3.26
C HIS A 31 -4.39 3.35 2.03
N HIS A 32 -5.17 2.29 2.26
CA HIS A 32 -5.86 1.60 1.17
C HIS A 32 -6.95 2.49 0.57
N LYS A 33 -7.64 3.23 1.43
CA LYS A 33 -8.71 4.12 0.99
C LYS A 33 -8.17 5.17 0.03
N LEU A 34 -6.85 5.30 -0.03
CA LEU A 34 -6.22 6.27 -0.92
C LEU A 34 -6.11 5.73 -2.34
N HIS A 35 -6.44 4.45 -2.51
CA HIS A 35 -6.39 3.81 -3.82
C HIS A 35 -7.79 3.49 -4.32
N THR A 36 -8.67 3.07 -3.41
CA THR A 36 -10.04 2.73 -3.76
C THR A 36 -10.64 3.78 -4.69
N GLY A 37 -10.14 5.01 -4.59
CA GLY A 37 -10.64 6.09 -5.42
C GLY A 37 -9.56 7.05 -5.86
N GLU A 38 -8.72 6.59 -6.79
CA GLU A 38 -7.63 7.41 -7.30
C GLU A 38 -8.15 8.51 -8.22
N LYS A 39 -8.80 8.11 -9.31
CA LYS A 39 -9.35 9.06 -10.26
C LYS A 39 -10.35 9.99 -9.60
N PRO A 40 -10.31 11.28 -9.99
CA PRO A 40 -11.21 12.30 -9.44
C PRO A 40 -12.66 12.09 -9.87
N SER A 41 -13.57 12.82 -9.23
CA SER A 41 -15.00 12.72 -9.55
C SER A 41 -15.66 14.09 -9.50
N GLY A 42 -16.90 14.15 -9.97
CA GLY A 42 -17.64 15.40 -9.98
C GLY A 42 -18.16 15.78 -8.60
N PRO A 43 -19.19 16.62 -8.57
CA PRO A 43 -19.81 17.08 -7.33
C PRO A 43 -20.58 15.96 -6.62
N SER A 44 -20.06 15.51 -5.49
CA SER A 44 -20.70 14.45 -4.72
C SER A 44 -21.29 15.00 -3.43
N SER A 45 -20.48 15.73 -2.67
CA SER A 45 -20.92 16.31 -1.41
C SER A 45 -21.58 17.66 -1.63
N GLY A 46 -22.53 18.01 -0.77
CA GLY A 46 -23.22 19.28 -0.88
C GLY A 46 -22.25 20.45 -1.03
ZN ZN B . -0.86 2.20 -1.66
N GLY A 1 14.86 6.61 -12.20
CA GLY A 1 15.92 6.59 -11.22
C GLY A 1 15.52 5.89 -9.94
N SER A 2 15.86 4.60 -9.85
CA SER A 2 15.53 3.81 -8.67
C SER A 2 16.66 3.84 -7.66
N SER A 3 17.24 5.02 -7.46
CA SER A 3 18.34 5.20 -6.51
C SER A 3 17.85 5.88 -5.24
N GLY A 4 17.61 5.08 -4.20
CA GLY A 4 17.15 5.64 -2.94
C GLY A 4 18.13 5.39 -1.81
N SER A 5 17.98 4.25 -1.14
CA SER A 5 18.86 3.90 -0.02
C SER A 5 18.92 2.39 0.16
N SER A 6 20.13 1.84 0.05
CA SER A 6 20.33 0.40 0.20
C SER A 6 19.80 -0.08 1.55
N GLY A 7 18.67 -0.81 1.53
CA GLY A 7 18.08 -1.30 2.74
C GLY A 7 16.73 -0.69 3.04
N THR A 8 15.74 -1.01 2.20
CA THR A 8 14.40 -0.46 2.37
C THR A 8 13.35 -1.55 2.17
N GLY A 9 12.58 -1.84 3.21
CA GLY A 9 11.55 -2.85 3.13
C GLY A 9 11.46 -3.70 4.37
N GLU A 10 11.45 -3.06 5.54
CA GLU A 10 11.37 -3.77 6.81
C GLU A 10 9.97 -3.67 7.40
N LYS A 11 8.98 -4.06 6.61
CA LYS A 11 7.58 -4.02 7.06
C LYS A 11 6.82 -5.26 6.60
N PRO A 12 6.11 -5.90 7.54
CA PRO A 12 5.32 -7.11 7.25
C PRO A 12 4.11 -6.81 6.38
N PHE A 13 3.50 -5.66 6.60
CA PHE A 13 2.32 -5.26 5.83
C PHE A 13 2.71 -4.40 4.64
N LYS A 14 1.98 -4.52 3.55
CA LYS A 14 2.24 -3.75 2.34
C LYS A 14 0.99 -3.62 1.49
N CYS A 15 0.80 -2.45 0.87
CA CYS A 15 -0.36 -2.21 0.03
C CYS A 15 -0.34 -3.11 -1.20
N VAL A 16 -1.45 -3.82 -1.43
CA VAL A 16 -1.56 -4.72 -2.57
C VAL A 16 -1.85 -3.94 -3.85
N GLU A 17 -1.71 -2.62 -3.78
CA GLU A 17 -1.96 -1.77 -4.94
C GLU A 17 -0.68 -1.06 -5.39
N CYS A 18 0.17 -0.74 -4.42
CA CYS A 18 1.42 -0.06 -4.72
C CYS A 18 2.61 -0.80 -4.09
N GLY A 19 2.35 -1.47 -2.97
CA GLY A 19 3.39 -2.21 -2.29
C GLY A 19 3.99 -1.44 -1.13
N LYS A 20 3.20 -0.55 -0.54
CA LYS A 20 3.65 0.25 0.59
C LYS A 20 4.23 -0.63 1.68
N GLY A 21 4.57 -0.01 2.81
CA GLY A 21 5.13 -0.76 3.93
C GLY A 21 4.61 -0.29 5.27
N PHE A 22 3.85 -1.16 5.94
CA PHE A 22 3.28 -0.82 7.24
C PHE A 22 3.57 -1.91 8.26
N SER A 23 3.33 -1.61 9.53
CA SER A 23 3.57 -2.57 10.61
C SER A 23 2.27 -2.94 11.31
N ARG A 24 1.24 -2.12 11.11
CA ARG A 24 -0.06 -2.35 11.72
C ARG A 24 -1.16 -2.42 10.67
N ARG A 25 -2.09 -3.35 10.85
CA ARG A 25 -3.19 -3.53 9.90
C ARG A 25 -3.84 -2.19 9.58
N SER A 26 -4.25 -1.47 10.62
CA SER A 26 -4.89 -0.18 10.46
C SER A 26 -4.03 0.77 9.62
N ALA A 27 -2.74 0.79 9.94
CA ALA A 27 -1.79 1.65 9.23
C ALA A 27 -1.86 1.39 7.72
N LEU A 28 -2.02 0.12 7.35
CA LEU A 28 -2.09 -0.25 5.95
C LEU A 28 -3.52 -0.15 5.43
N ASN A 29 -4.49 -0.29 6.32
CA ASN A 29 -5.89 -0.21 5.95
C ASN A 29 -6.29 1.24 5.67
N VAL A 30 -5.68 2.16 6.39
CA VAL A 30 -5.97 3.59 6.20
C VAL A 30 -5.43 4.09 4.87
N HIS A 31 -4.19 3.71 4.56
CA HIS A 31 -3.56 4.12 3.32
C HIS A 31 -4.29 3.54 2.12
N HIS A 32 -5.00 2.44 2.33
CA HIS A 32 -5.74 1.79 1.26
C HIS A 32 -6.80 2.72 0.68
N LYS A 33 -7.46 3.47 1.57
CA LYS A 33 -8.50 4.40 1.15
C LYS A 33 -7.95 5.43 0.19
N LEU A 34 -6.62 5.58 0.17
CA LEU A 34 -5.97 6.54 -0.70
C LEU A 34 -5.90 6.01 -2.13
N HIS A 35 -6.36 4.78 -2.32
CA HIS A 35 -6.36 4.16 -3.64
C HIS A 35 -7.78 4.05 -4.18
N THR A 36 -8.73 3.76 -3.30
CA THR A 36 -10.13 3.62 -3.70
C THR A 36 -10.52 4.68 -4.71
N GLY A 37 -10.20 5.93 -4.41
CA GLY A 37 -10.52 7.02 -5.31
C GLY A 37 -10.17 6.71 -6.75
N GLU A 38 -8.93 7.00 -7.13
CA GLU A 38 -8.47 6.75 -8.49
C GLU A 38 -7.62 5.48 -8.55
N LYS A 39 -7.95 4.61 -9.50
CA LYS A 39 -7.21 3.35 -9.67
C LYS A 39 -6.18 3.48 -10.78
N PRO A 40 -4.93 3.11 -10.48
CA PRO A 40 -3.83 3.17 -11.43
C PRO A 40 -3.95 2.12 -12.53
N SER A 41 -3.49 2.46 -13.73
CA SER A 41 -3.56 1.55 -14.86
C SER A 41 -3.30 0.11 -14.42
N GLY A 42 -4.33 -0.71 -14.49
CA GLY A 42 -4.20 -2.11 -14.10
C GLY A 42 -4.86 -2.39 -12.76
N PRO A 43 -6.20 -2.53 -12.77
CA PRO A 43 -6.97 -2.82 -11.55
C PRO A 43 -6.72 -4.21 -11.01
N SER A 44 -6.78 -4.36 -9.69
CA SER A 44 -6.57 -5.65 -9.05
C SER A 44 -7.64 -5.92 -7.99
N SER A 45 -8.79 -6.43 -8.44
CA SER A 45 -9.89 -6.73 -7.54
C SER A 45 -10.86 -7.73 -8.16
N GLY A 46 -11.34 -8.66 -7.36
CA GLY A 46 -12.27 -9.66 -7.86
C GLY A 46 -13.69 -9.43 -7.37
ZN ZN B . -0.95 1.83 -1.70
N GLY A 1 0.88 -6.74 -19.51
CA GLY A 1 1.50 -6.36 -18.26
C GLY A 1 2.95 -6.80 -18.17
N SER A 2 3.80 -6.21 -19.01
CA SER A 2 5.22 -6.54 -19.03
C SER A 2 6.06 -5.40 -18.47
N SER A 3 6.16 -5.35 -17.14
CA SER A 3 6.94 -4.30 -16.47
C SER A 3 7.74 -4.89 -15.32
N GLY A 4 8.68 -4.09 -14.81
CA GLY A 4 9.51 -4.53 -13.71
C GLY A 4 8.75 -4.57 -12.39
N SER A 5 8.30 -5.75 -12.00
CA SER A 5 7.55 -5.91 -10.75
C SER A 5 8.50 -5.99 -9.56
N SER A 6 8.96 -4.83 -9.10
CA SER A 6 9.88 -4.75 -7.98
C SER A 6 9.20 -4.12 -6.76
N GLY A 7 9.87 -4.17 -5.63
CA GLY A 7 9.32 -3.59 -4.41
C GLY A 7 10.32 -3.56 -3.27
N THR A 8 10.27 -2.50 -2.47
CA THR A 8 11.19 -2.35 -1.35
C THR A 8 10.42 -2.17 -0.04
N GLY A 9 10.89 -2.84 1.01
CA GLY A 9 10.23 -2.74 2.31
C GLY A 9 10.32 -4.03 3.09
N GLU A 10 10.78 -3.94 4.33
CA GLU A 10 10.92 -5.11 5.19
C GLU A 10 9.62 -5.35 5.96
N LYS A 11 8.99 -4.28 6.41
CA LYS A 11 7.75 -4.38 7.17
C LYS A 11 6.89 -5.53 6.66
N PRO A 12 6.19 -6.21 7.58
CA PRO A 12 5.33 -7.34 7.25
C PRO A 12 4.09 -6.91 6.48
N PHE A 13 3.60 -5.70 6.76
CA PHE A 13 2.42 -5.18 6.10
C PHE A 13 2.80 -4.32 4.91
N LYS A 14 2.23 -4.63 3.75
CA LYS A 14 2.51 -3.88 2.52
C LYS A 14 1.25 -3.76 1.67
N CYS A 15 1.07 -2.57 1.08
CA CYS A 15 -0.09 -2.32 0.23
C CYS A 15 -0.02 -3.14 -1.05
N VAL A 16 -1.06 -3.93 -1.30
CA VAL A 16 -1.12 -4.77 -2.50
C VAL A 16 -1.47 -3.94 -3.73
N GLU A 17 -1.59 -2.63 -3.54
CA GLU A 17 -1.93 -1.73 -4.64
C GLU A 17 -0.69 -0.98 -5.11
N CYS A 18 0.19 -0.65 -4.18
CA CYS A 18 1.42 0.07 -4.49
C CYS A 18 2.64 -0.67 -3.97
N GLY A 19 2.50 -1.26 -2.78
CA GLY A 19 3.60 -1.99 -2.18
C GLY A 19 4.28 -1.21 -1.08
N LYS A 20 3.51 -0.37 -0.40
CA LYS A 20 4.04 0.44 0.70
C LYS A 20 4.43 -0.45 1.88
N GLY A 21 4.85 0.19 2.97
CA GLY A 21 5.24 -0.55 4.16
C GLY A 21 4.62 -0.01 5.42
N PHE A 22 3.93 -0.87 6.15
CA PHE A 22 3.27 -0.46 7.39
C PHE A 22 3.63 -1.41 8.54
N SER A 23 3.49 -0.92 9.77
CA SER A 23 3.81 -1.73 10.94
C SER A 23 2.54 -2.36 11.52
N ARG A 24 1.39 -1.79 11.16
CA ARG A 24 0.11 -2.30 11.65
C ARG A 24 -0.89 -2.42 10.50
N ARG A 25 -1.85 -3.32 10.65
CA ARG A 25 -2.87 -3.54 9.63
C ARG A 25 -3.71 -2.27 9.44
N SER A 26 -4.27 -1.76 10.52
CA SER A 26 -5.09 -0.56 10.47
C SER A 26 -4.36 0.57 9.75
N ALA A 27 -3.10 0.78 10.11
CA ALA A 27 -2.29 1.82 9.50
C ALA A 27 -2.22 1.64 7.99
N LEU A 28 -2.34 0.40 7.54
CA LEU A 28 -2.30 0.09 6.11
C LEU A 28 -3.69 0.16 5.50
N ASN A 29 -4.69 -0.23 6.27
CA ASN A 29 -6.07 -0.21 5.79
C ASN A 29 -6.54 1.20 5.52
N VAL A 30 -6.01 2.16 6.29
CA VAL A 30 -6.38 3.55 6.13
C VAL A 30 -5.78 4.13 4.84
N HIS A 31 -4.54 3.75 4.54
CA HIS A 31 -3.86 4.23 3.36
C HIS A 31 -4.46 3.61 2.10
N HIS A 32 -5.16 2.49 2.28
CA HIS A 32 -5.79 1.80 1.15
C HIS A 32 -6.86 2.67 0.51
N LYS A 33 -7.62 3.38 1.34
CA LYS A 33 -8.67 4.26 0.85
C LYS A 33 -8.12 5.29 -0.13
N LEU A 34 -6.81 5.50 -0.08
CA LEU A 34 -6.16 6.46 -0.96
C LEU A 34 -5.99 5.89 -2.36
N HIS A 35 -6.37 4.62 -2.53
CA HIS A 35 -6.26 3.96 -3.82
C HIS A 35 -7.65 3.74 -4.44
N THR A 36 -8.58 3.25 -3.63
CA THR A 36 -9.94 3.00 -4.09
C THR A 36 -10.40 4.09 -5.05
N GLY A 37 -11.27 3.72 -5.99
CA GLY A 37 -11.78 4.68 -6.95
C GLY A 37 -12.96 5.47 -6.41
N GLU A 38 -14.16 5.02 -6.74
CA GLU A 38 -15.38 5.69 -6.29
C GLU A 38 -16.07 4.89 -5.20
N LYS A 39 -16.80 5.58 -4.33
CA LYS A 39 -17.52 4.94 -3.24
C LYS A 39 -18.49 3.88 -3.77
N PRO A 40 -18.28 2.63 -3.35
CA PRO A 40 -19.12 1.50 -3.78
C PRO A 40 -20.52 1.58 -3.17
N SER A 41 -20.62 2.14 -1.98
CA SER A 41 -21.90 2.27 -1.29
C SER A 41 -22.48 3.66 -1.49
N GLY A 42 -23.50 3.75 -2.34
CA GLY A 42 -24.14 5.03 -2.60
C GLY A 42 -23.24 5.98 -3.37
N PRO A 43 -23.79 7.13 -3.77
CA PRO A 43 -23.05 8.15 -4.53
C PRO A 43 -21.99 8.84 -3.67
N SER A 44 -20.74 8.78 -4.13
CA SER A 44 -19.64 9.40 -3.39
C SER A 44 -19.83 10.92 -3.31
N SER A 45 -19.09 11.55 -2.41
CA SER A 45 -19.17 12.99 -2.22
C SER A 45 -17.95 13.52 -1.48
N GLY A 46 -17.90 14.83 -1.29
CA GLY A 46 -16.78 15.45 -0.61
C GLY A 46 -15.53 15.48 -1.47
ZN ZN B . -0.90 1.79 -1.49
N GLY A 1 34.18 -15.55 2.00
CA GLY A 1 32.87 -15.13 2.46
C GLY A 1 32.92 -13.87 3.29
N SER A 2 31.75 -13.29 3.56
CA SER A 2 31.67 -12.07 4.34
C SER A 2 30.43 -12.08 5.22
N SER A 3 30.64 -11.94 6.54
CA SER A 3 29.55 -11.93 7.49
C SER A 3 29.58 -10.68 8.36
N GLY A 4 28.40 -10.20 8.74
CA GLY A 4 28.32 -9.00 9.56
C GLY A 4 26.91 -8.48 9.69
N SER A 5 26.66 -7.67 10.71
CA SER A 5 25.34 -7.10 10.95
C SER A 5 24.81 -6.41 9.69
N SER A 6 23.58 -6.74 9.33
CA SER A 6 22.95 -6.16 8.15
C SER A 6 21.43 -6.19 8.26
N GLY A 7 20.82 -5.01 8.25
CA GLY A 7 19.38 -4.90 8.37
C GLY A 7 18.86 -3.58 7.86
N THR A 8 18.12 -3.61 6.75
CA THR A 8 17.56 -2.41 6.16
C THR A 8 16.21 -2.08 6.79
N GLY A 9 15.25 -3.00 6.66
CA GLY A 9 13.93 -2.78 7.22
C GLY A 9 12.85 -3.51 6.44
N GLU A 10 12.14 -4.40 7.11
CA GLU A 10 11.07 -5.17 6.46
C GLU A 10 9.74 -4.90 7.14
N LYS A 11 8.69 -4.77 6.34
CA LYS A 11 7.35 -4.51 6.87
C LYS A 11 6.38 -5.61 6.44
N PRO A 12 5.66 -6.18 7.42
CA PRO A 12 4.68 -7.25 7.18
C PRO A 12 3.45 -6.75 6.41
N PHE A 13 3.09 -5.49 6.64
CA PHE A 13 1.94 -4.90 5.99
C PHE A 13 2.38 -4.01 4.82
N LYS A 14 1.98 -4.39 3.61
CA LYS A 14 2.32 -3.64 2.41
C LYS A 14 1.12 -3.50 1.49
N CYS A 15 0.84 -2.27 1.08
CA CYS A 15 -0.29 -2.00 0.18
C CYS A 15 -0.29 -2.95 -0.99
N VAL A 16 -1.42 -3.63 -1.20
CA VAL A 16 -1.55 -4.58 -2.30
C VAL A 16 -1.81 -3.85 -3.62
N GLU A 17 -1.63 -2.54 -3.62
CA GLU A 17 -1.84 -1.73 -4.81
C GLU A 17 -0.54 -1.08 -5.26
N CYS A 18 0.22 -0.57 -4.31
CA CYS A 18 1.49 0.08 -4.61
C CYS A 18 2.65 -0.67 -3.97
N GLY A 19 2.38 -1.33 -2.85
CA GLY A 19 3.41 -2.09 -2.15
C GLY A 19 4.07 -1.29 -1.06
N LYS A 20 3.35 -0.29 -0.54
CA LYS A 20 3.86 0.56 0.53
C LYS A 20 4.33 -0.29 1.72
N GLY A 21 4.85 0.38 2.75
CA GLY A 21 5.31 -0.32 3.92
C GLY A 21 4.72 0.24 5.20
N PHE A 22 4.08 -0.62 6.00
CA PHE A 22 3.47 -0.20 7.25
C PHE A 22 3.96 -1.08 8.40
N SER A 23 3.56 -0.71 9.62
CA SER A 23 3.94 -1.46 10.81
C SER A 23 2.82 -2.39 11.26
N ARG A 24 1.58 -1.92 11.09
CA ARG A 24 0.41 -2.69 11.49
C ARG A 24 -0.61 -2.74 10.36
N ARG A 25 -1.64 -3.57 10.53
CA ARG A 25 -2.69 -3.70 9.53
C ARG A 25 -3.43 -2.37 9.33
N SER A 26 -3.95 -1.84 10.42
CA SER A 26 -4.69 -0.57 10.37
C SER A 26 -3.94 0.46 9.51
N ALA A 27 -2.72 0.78 9.93
CA ALA A 27 -1.90 1.74 9.19
C ALA A 27 -1.93 1.47 7.70
N LEU A 28 -2.08 0.20 7.34
CA LEU A 28 -2.13 -0.21 5.93
C LEU A 28 -3.55 -0.17 5.40
N ASN A 29 -4.52 -0.32 6.30
CA ASN A 29 -5.93 -0.29 5.92
C ASN A 29 -6.40 1.12 5.61
N VAL A 30 -5.82 2.09 6.32
CA VAL A 30 -6.17 3.49 6.13
C VAL A 30 -5.63 4.01 4.79
N HIS A 31 -4.39 3.66 4.49
CA HIS A 31 -3.75 4.08 3.25
C HIS A 31 -4.46 3.46 2.04
N HIS A 32 -5.16 2.35 2.27
CA HIS A 32 -5.87 1.67 1.20
C HIS A 32 -6.97 2.56 0.62
N LYS A 33 -7.67 3.27 1.50
CA LYS A 33 -8.75 4.16 1.09
C LYS A 33 -8.24 5.21 0.10
N LEU A 34 -6.92 5.38 0.06
CA LEU A 34 -6.30 6.36 -0.83
C LEU A 34 -6.20 5.81 -2.25
N HIS A 35 -6.57 4.54 -2.41
CA HIS A 35 -6.52 3.89 -3.72
C HIS A 35 -7.93 3.62 -4.25
N THR A 36 -8.83 3.25 -3.35
CA THR A 36 -10.20 2.95 -3.73
C THR A 36 -10.84 4.14 -4.44
N GLY A 37 -10.83 4.08 -5.78
CA GLY A 37 -11.42 5.16 -6.56
C GLY A 37 -12.49 4.67 -7.52
N GLU A 38 -12.08 4.31 -8.73
CA GLU A 38 -13.02 3.83 -9.73
C GLU A 38 -14.14 3.02 -9.09
N LYS A 39 -15.38 3.47 -9.26
CA LYS A 39 -16.54 2.79 -8.70
C LYS A 39 -17.29 2.03 -9.77
N PRO A 40 -17.69 0.79 -9.46
CA PRO A 40 -18.43 -0.07 -10.38
C PRO A 40 -19.86 0.43 -10.62
N SER A 41 -20.23 1.50 -9.92
CA SER A 41 -21.56 2.07 -10.06
C SER A 41 -21.76 2.65 -11.45
N GLY A 42 -23.01 2.93 -11.80
CA GLY A 42 -23.32 3.49 -13.10
C GLY A 42 -23.95 4.86 -13.01
N PRO A 43 -24.88 5.16 -13.93
CA PRO A 43 -25.58 6.44 -13.97
C PRO A 43 -26.54 6.61 -12.80
N SER A 44 -26.62 5.59 -11.94
CA SER A 44 -27.51 5.63 -10.79
C SER A 44 -27.08 6.72 -9.80
N SER A 45 -27.99 7.64 -9.53
CA SER A 45 -27.71 8.75 -8.62
C SER A 45 -28.88 8.97 -7.66
N GLY A 46 -28.59 9.57 -6.51
CA GLY A 46 -29.64 9.84 -5.54
C GLY A 46 -30.33 11.16 -5.78
ZN ZN B . -0.98 2.15 -1.71
N GLY A 1 25.11 -5.21 -17.10
CA GLY A 1 23.93 -4.71 -16.41
C GLY A 1 23.64 -5.48 -15.13
N SER A 2 24.15 -4.98 -14.01
CA SER A 2 23.93 -5.62 -12.71
C SER A 2 23.23 -4.68 -11.74
N SER A 3 22.10 -5.12 -11.23
CA SER A 3 21.33 -4.32 -10.28
C SER A 3 20.65 -5.20 -9.23
N GLY A 4 20.80 -4.82 -7.97
CA GLY A 4 20.20 -5.59 -6.89
C GLY A 4 20.80 -5.26 -5.54
N SER A 5 20.21 -4.30 -4.85
CA SER A 5 20.69 -3.89 -3.53
C SER A 5 19.87 -4.53 -2.42
N SER A 6 20.45 -4.57 -1.22
CA SER A 6 19.77 -5.17 -0.08
C SER A 6 19.20 -4.10 0.84
N GLY A 7 18.13 -4.43 1.55
CA GLY A 7 17.50 -3.48 2.44
C GLY A 7 17.52 -3.94 3.89
N THR A 8 16.89 -3.18 4.77
CA THR A 8 16.83 -3.52 6.19
C THR A 8 15.50 -3.11 6.80
N GLY A 9 14.73 -4.10 7.24
CA GLY A 9 13.45 -3.83 7.84
C GLY A 9 12.29 -4.07 6.89
N GLU A 10 12.07 -5.33 6.54
CA GLU A 10 10.99 -5.68 5.62
C GLU A 10 9.64 -5.69 6.35
N LYS A 11 8.85 -4.65 6.09
CA LYS A 11 7.54 -4.53 6.72
C LYS A 11 6.64 -5.71 6.35
N PRO A 12 5.91 -6.23 7.35
CA PRO A 12 5.02 -7.37 7.15
C PRO A 12 3.79 -7.01 6.30
N PHE A 13 3.30 -5.78 6.47
CA PHE A 13 2.14 -5.31 5.73
C PHE A 13 2.56 -4.34 4.62
N LYS A 14 2.16 -4.66 3.39
CA LYS A 14 2.49 -3.82 2.25
C LYS A 14 1.27 -3.60 1.37
N CYS A 15 1.05 -2.34 0.97
CA CYS A 15 -0.07 -1.99 0.13
C CYS A 15 -0.11 -2.86 -1.12
N VAL A 16 -1.28 -3.42 -1.42
CA VAL A 16 -1.45 -4.28 -2.58
C VAL A 16 -1.66 -3.45 -3.85
N GLU A 17 -1.42 -2.15 -3.74
CA GLU A 17 -1.59 -1.24 -4.87
C GLU A 17 -0.25 -0.63 -5.27
N CYS A 18 0.54 -0.23 -4.26
CA CYS A 18 1.84 0.38 -4.51
C CYS A 18 2.95 -0.46 -3.87
N GLY A 19 2.61 -1.16 -2.79
CA GLY A 19 3.59 -1.98 -2.11
C GLY A 19 4.23 -1.26 -0.94
N LYS A 20 3.56 -0.24 -0.44
CA LYS A 20 4.08 0.54 0.70
C LYS A 20 4.47 -0.38 1.84
N GLY A 21 4.89 0.23 2.96
CA GLY A 21 5.29 -0.56 4.12
C GLY A 21 4.70 -0.02 5.41
N PHE A 22 3.93 -0.86 6.09
CA PHE A 22 3.30 -0.47 7.35
C PHE A 22 3.68 -1.42 8.47
N SER A 23 3.59 -0.94 9.71
CA SER A 23 3.94 -1.75 10.87
C SER A 23 2.70 -1.98 11.74
N ARG A 24 1.53 -1.82 11.16
CA ARG A 24 0.28 -2.01 11.88
C ARG A 24 -0.85 -2.40 10.93
N ARG A 25 -1.86 -3.08 11.46
CA ARG A 25 -3.00 -3.51 10.66
C ARG A 25 -4.05 -2.42 10.57
N SER A 26 -3.63 -1.18 10.76
CA SER A 26 -4.54 -0.04 10.70
C SER A 26 -4.01 1.03 9.74
N ALA A 27 -2.70 1.25 9.78
CA ALA A 27 -2.07 2.25 8.91
C ALA A 27 -2.20 1.86 7.44
N LEU A 28 -2.15 0.55 7.18
CA LEU A 28 -2.25 0.04 5.82
C LEU A 28 -3.72 0.01 5.36
N ASN A 29 -4.61 -0.34 6.29
CA ASN A 29 -6.03 -0.41 5.97
C ASN A 29 -6.57 0.96 5.56
N VAL A 30 -6.04 2.01 6.18
CA VAL A 30 -6.47 3.38 5.87
C VAL A 30 -5.87 3.85 4.55
N HIS A 31 -4.58 3.60 4.37
CA HIS A 31 -3.88 4.00 3.15
C HIS A 31 -4.51 3.35 1.93
N HIS A 32 -5.16 2.21 2.14
CA HIS A 32 -5.82 1.49 1.05
C HIS A 32 -6.99 2.30 0.49
N LYS A 33 -7.82 2.83 1.39
CA LYS A 33 -8.97 3.62 0.99
C LYS A 33 -8.57 4.73 0.02
N LEU A 34 -7.33 5.20 0.16
CA LEU A 34 -6.82 6.26 -0.70
C LEU A 34 -6.70 5.78 -2.14
N HIS A 35 -6.30 4.52 -2.32
CA HIS A 35 -6.15 3.95 -3.64
C HIS A 35 -7.51 3.76 -4.31
N THR A 36 -8.50 3.36 -3.52
CA THR A 36 -9.85 3.14 -4.03
C THR A 36 -10.85 4.09 -3.38
N GLY A 37 -11.28 5.09 -4.14
CA GLY A 37 -12.23 6.06 -3.62
C GLY A 37 -11.69 6.83 -2.44
N GLU A 38 -10.83 7.80 -2.71
CA GLU A 38 -10.23 8.62 -1.66
C GLU A 38 -11.12 9.82 -1.33
N LYS A 39 -11.58 10.50 -2.37
CA LYS A 39 -12.45 11.66 -2.18
C LYS A 39 -13.59 11.66 -3.20
N PRO A 40 -14.80 11.32 -2.72
CA PRO A 40 -15.99 11.27 -3.57
C PRO A 40 -16.45 12.66 -4.02
N SER A 41 -17.57 12.71 -4.73
CA SER A 41 -18.11 13.97 -5.22
C SER A 41 -18.97 14.64 -4.16
N GLY A 42 -18.33 15.30 -3.20
CA GLY A 42 -19.06 15.97 -2.14
C GLY A 42 -18.46 15.71 -0.77
N PRO A 43 -17.64 16.66 -0.29
CA PRO A 43 -16.98 16.55 1.02
C PRO A 43 -17.97 16.68 2.17
N SER A 44 -17.62 16.09 3.31
CA SER A 44 -18.48 16.14 4.49
C SER A 44 -18.61 17.57 5.01
N SER A 45 -17.47 18.19 5.30
CA SER A 45 -17.46 19.56 5.80
C SER A 45 -17.59 20.57 4.66
N GLY A 46 -16.76 20.38 3.63
CA GLY A 46 -16.81 21.28 2.49
C GLY A 46 -15.46 21.37 1.79
ZN ZN B . -0.68 2.24 -1.61
N GLY A 1 14.74 -10.43 -9.88
CA GLY A 1 13.94 -11.25 -9.00
C GLY A 1 13.79 -10.64 -7.63
N SER A 2 12.79 -11.12 -6.88
CA SER A 2 12.53 -10.61 -5.54
C SER A 2 12.70 -11.72 -4.50
N SER A 3 13.26 -11.36 -3.34
CA SER A 3 13.48 -12.32 -2.27
C SER A 3 13.49 -11.61 -0.91
N GLY A 4 13.62 -12.41 0.15
CA GLY A 4 13.64 -11.85 1.49
C GLY A 4 14.19 -12.82 2.51
N SER A 5 14.78 -12.30 3.58
CA SER A 5 15.34 -13.12 4.64
C SER A 5 15.56 -12.31 5.91
N SER A 6 15.60 -13.01 7.05
CA SER A 6 15.80 -12.35 8.33
C SER A 6 17.06 -11.50 8.32
N GLY A 7 16.97 -10.29 8.87
CA GLY A 7 18.11 -9.39 8.91
C GLY A 7 17.81 -8.10 9.65
N THR A 8 17.82 -6.99 8.91
CA THR A 8 17.54 -5.68 9.50
C THR A 8 16.14 -5.63 10.08
N GLY A 9 15.14 -5.83 9.22
CA GLY A 9 13.76 -5.79 9.67
C GLY A 9 12.87 -4.97 8.76
N GLU A 10 12.22 -5.63 7.80
CA GLU A 10 11.35 -4.94 6.86
C GLU A 10 9.91 -4.94 7.37
N LYS A 11 9.06 -4.16 6.70
CA LYS A 11 7.65 -4.07 7.08
C LYS A 11 6.87 -5.27 6.56
N PRO A 12 6.18 -5.96 7.48
CA PRO A 12 5.38 -7.14 7.14
C PRO A 12 4.13 -6.79 6.34
N PHE A 13 3.50 -5.67 6.69
CA PHE A 13 2.30 -5.22 5.99
C PHE A 13 2.67 -4.36 4.78
N LYS A 14 2.15 -4.75 3.62
CA LYS A 14 2.41 -4.03 2.38
C LYS A 14 1.13 -3.84 1.57
N CYS A 15 0.97 -2.65 1.00
CA CYS A 15 -0.21 -2.35 0.20
C CYS A 15 -0.22 -3.16 -1.09
N VAL A 16 -1.30 -3.91 -1.32
CA VAL A 16 -1.43 -4.74 -2.50
C VAL A 16 -1.76 -3.89 -3.73
N GLU A 17 -1.92 -2.58 -3.51
CA GLU A 17 -2.23 -1.66 -4.59
C GLU A 17 -0.96 -0.98 -5.12
N CYS A 18 -0.03 -0.70 -4.21
CA CYS A 18 1.22 -0.05 -4.59
C CYS A 18 2.41 -0.85 -4.06
N GLY A 19 2.27 -1.39 -2.86
CA GLY A 19 3.35 -2.17 -2.26
C GLY A 19 4.12 -1.39 -1.22
N LYS A 20 3.42 -0.50 -0.50
CA LYS A 20 4.04 0.31 0.53
C LYS A 20 4.44 -0.55 1.72
N GLY A 21 4.93 0.11 2.77
CA GLY A 21 5.34 -0.62 3.97
C GLY A 21 4.84 0.04 5.24
N PHE A 22 3.98 -0.67 5.98
CA PHE A 22 3.44 -0.15 7.22
C PHE A 22 3.86 -1.01 8.40
N SER A 23 3.37 -0.65 9.59
CA SER A 23 3.70 -1.39 10.80
C SER A 23 2.55 -2.32 11.20
N ARG A 24 1.32 -1.84 11.01
CA ARG A 24 0.15 -2.64 11.35
C ARG A 24 -0.90 -2.55 10.24
N ARG A 25 -1.62 -3.65 10.04
CA ARG A 25 -2.65 -3.70 9.01
C ARG A 25 -3.57 -2.50 9.09
N SER A 26 -3.73 -1.96 10.30
CA SER A 26 -4.60 -0.80 10.52
C SER A 26 -4.04 0.42 9.79
N ALA A 27 -2.73 0.61 9.88
CA ALA A 27 -2.08 1.75 9.23
C ALA A 27 -2.04 1.57 7.71
N LEU A 28 -2.09 0.31 7.27
CA LEU A 28 -2.07 0.01 5.85
C LEU A 28 -3.47 0.03 5.26
N ASN A 29 -4.45 -0.27 6.09
CA ASN A 29 -5.84 -0.28 5.65
C ASN A 29 -6.37 1.14 5.44
N VAL A 30 -5.86 2.07 6.25
CA VAL A 30 -6.27 3.46 6.15
C VAL A 30 -5.75 4.10 4.87
N HIS A 31 -4.50 3.79 4.53
CA HIS A 31 -3.88 4.34 3.33
C HIS A 31 -4.57 3.81 2.08
N HIS A 32 -5.25 2.67 2.21
CA HIS A 32 -5.95 2.06 1.09
C HIS A 32 -7.10 2.95 0.62
N LYS A 33 -7.76 3.60 1.56
CA LYS A 33 -8.88 4.48 1.24
C LYS A 33 -8.48 5.52 0.21
N LEU A 34 -7.18 5.83 0.16
CA LEU A 34 -6.66 6.81 -0.79
C LEU A 34 -6.67 6.24 -2.21
N HIS A 35 -6.36 4.96 -2.32
CA HIS A 35 -6.34 4.30 -3.63
C HIS A 35 -7.73 4.30 -4.27
N THR A 36 -8.74 3.94 -3.48
CA THR A 36 -10.10 3.89 -3.97
C THR A 36 -10.71 5.29 -4.04
N GLY A 37 -10.29 6.06 -5.04
CA GLY A 37 -10.81 7.41 -5.20
C GLY A 37 -11.21 7.72 -6.63
N GLU A 38 -10.28 8.31 -7.38
CA GLU A 38 -10.54 8.66 -8.78
C GLU A 38 -11.15 7.48 -9.53
N LYS A 39 -11.48 7.69 -10.79
CA LYS A 39 -12.06 6.65 -11.62
C LYS A 39 -11.49 5.29 -11.27
N PRO A 40 -12.38 4.29 -11.13
CA PRO A 40 -11.96 2.92 -10.79
C PRO A 40 -11.23 2.24 -11.95
N SER A 41 -10.37 1.28 -11.60
CA SER A 41 -9.59 0.56 -12.61
C SER A 41 -10.28 -0.76 -12.97
N GLY A 42 -11.15 -0.72 -13.98
CA GLY A 42 -11.85 -1.91 -14.39
C GLY A 42 -13.10 -2.17 -13.57
N PRO A 43 -13.87 -3.19 -13.98
CA PRO A 43 -15.10 -3.56 -13.28
C PRO A 43 -14.85 -4.17 -11.90
N SER A 44 -15.54 -3.66 -10.89
CA SER A 44 -15.37 -4.14 -9.53
C SER A 44 -16.49 -5.14 -9.16
N SER A 45 -16.31 -5.81 -8.04
CA SER A 45 -17.30 -6.78 -7.58
C SER A 45 -17.62 -6.58 -6.10
N GLY A 46 -18.91 -6.58 -5.77
CA GLY A 46 -19.33 -6.39 -4.40
C GLY A 46 -18.79 -5.10 -3.80
ZN ZN B . -1.11 1.83 -1.55
N GLY A 1 26.63 -11.65 -9.06
CA GLY A 1 26.95 -12.46 -7.90
C GLY A 1 26.08 -12.12 -6.71
N SER A 2 25.35 -13.11 -6.20
CA SER A 2 24.47 -12.91 -5.06
C SER A 2 24.98 -13.69 -3.85
N SER A 3 24.73 -13.14 -2.66
CA SER A 3 25.15 -13.77 -1.42
C SER A 3 24.02 -13.81 -0.40
N GLY A 4 23.46 -12.64 -0.11
CA GLY A 4 22.38 -12.56 0.85
C GLY A 4 22.00 -11.12 1.18
N SER A 5 20.73 -10.90 1.48
CA SER A 5 20.24 -9.57 1.81
C SER A 5 19.82 -9.49 3.27
N SER A 6 20.63 -10.07 4.14
CA SER A 6 20.35 -10.08 5.57
C SER A 6 20.99 -8.86 6.25
N GLY A 7 20.17 -7.89 6.62
CA GLY A 7 20.67 -6.69 7.27
C GLY A 7 19.59 -5.65 7.47
N THR A 8 19.01 -5.17 6.38
CA THR A 8 17.96 -4.16 6.44
C THR A 8 16.64 -4.77 6.86
N GLY A 9 15.88 -4.04 7.67
CA GLY A 9 14.59 -4.53 8.13
C GLY A 9 13.51 -4.41 7.07
N GLU A 10 12.42 -5.13 7.26
CA GLU A 10 11.31 -5.09 6.32
C GLU A 10 9.97 -5.00 7.04
N LYS A 11 8.97 -4.45 6.36
CA LYS A 11 7.64 -4.30 6.95
C LYS A 11 6.77 -5.52 6.65
N PRO A 12 6.05 -6.00 7.66
CA PRO A 12 5.16 -7.16 7.53
C PRO A 12 3.94 -6.87 6.67
N PHE A 13 3.51 -5.62 6.67
CA PHE A 13 2.35 -5.20 5.89
C PHE A 13 2.77 -4.33 4.72
N LYS A 14 2.05 -4.47 3.60
CA LYS A 14 2.35 -3.70 2.40
C LYS A 14 1.10 -3.57 1.52
N CYS A 15 0.88 -2.36 1.00
CA CYS A 15 -0.27 -2.10 0.14
C CYS A 15 -0.23 -2.98 -1.10
N VAL A 16 -1.28 -3.77 -1.29
CA VAL A 16 -1.37 -4.66 -2.46
C VAL A 16 -1.64 -3.87 -3.73
N GLU A 17 -1.81 -2.55 -3.58
CA GLU A 17 -2.07 -1.70 -4.73
C GLU A 17 -0.78 -1.07 -5.26
N CYS A 18 0.10 -0.70 -4.33
CA CYS A 18 1.37 -0.09 -4.69
C CYS A 18 2.54 -0.84 -4.06
N GLY A 19 2.33 -1.35 -2.85
CA GLY A 19 3.37 -2.09 -2.17
C GLY A 19 3.99 -1.30 -1.04
N LYS A 20 3.25 -0.32 -0.53
CA LYS A 20 3.75 0.52 0.57
C LYS A 20 4.27 -0.33 1.72
N GLY A 21 4.65 0.33 2.81
CA GLY A 21 5.15 -0.39 3.96
C GLY A 21 4.57 0.12 5.26
N PHE A 22 3.90 -0.77 5.99
CA PHE A 22 3.29 -0.40 7.26
C PHE A 22 3.68 -1.39 8.37
N SER A 23 3.63 -0.93 9.61
CA SER A 23 3.98 -1.78 10.75
C SER A 23 2.72 -2.34 11.41
N ARG A 24 1.58 -1.77 11.07
CA ARG A 24 0.30 -2.22 11.63
C ARG A 24 -0.74 -2.41 10.53
N ARG A 25 -1.62 -3.39 10.73
CA ARG A 25 -2.66 -3.68 9.75
C ARG A 25 -3.46 -2.42 9.41
N SER A 26 -4.12 -1.85 10.42
CA SER A 26 -4.91 -0.65 10.24
C SER A 26 -4.13 0.41 9.47
N ALA A 27 -2.91 0.67 9.91
CA ALA A 27 -2.05 1.65 9.25
C ALA A 27 -2.02 1.45 7.75
N LEU A 28 -2.14 0.19 7.32
CA LEU A 28 -2.12 -0.14 5.91
C LEU A 28 -3.53 -0.07 5.32
N ASN A 29 -4.52 -0.48 6.10
CA ASN A 29 -5.91 -0.46 5.65
C ASN A 29 -6.37 0.97 5.42
N VAL A 30 -5.86 1.90 6.21
CA VAL A 30 -6.22 3.31 6.09
C VAL A 30 -5.66 3.91 4.80
N HIS A 31 -4.42 3.58 4.50
CA HIS A 31 -3.76 4.10 3.29
C HIS A 31 -4.52 3.66 2.04
N HIS A 32 -5.22 2.53 2.14
CA HIS A 32 -5.98 2.00 1.02
C HIS A 32 -7.03 3.01 0.55
N LYS A 33 -7.72 3.61 1.51
CA LYS A 33 -8.76 4.60 1.21
C LYS A 33 -8.29 5.55 0.11
N LEU A 34 -6.99 5.83 0.08
CA LEU A 34 -6.43 6.72 -0.92
C LEU A 34 -6.61 6.15 -2.33
N HIS A 35 -6.39 4.85 -2.46
CA HIS A 35 -6.55 4.17 -3.76
C HIS A 35 -8.01 4.14 -4.18
N THR A 36 -8.85 3.51 -3.35
CA THR A 36 -10.28 3.40 -3.64
C THR A 36 -11.01 4.68 -3.24
N GLY A 37 -11.66 5.30 -4.23
CA GLY A 37 -12.40 6.53 -3.96
C GLY A 37 -13.76 6.52 -4.63
N GLU A 38 -14.79 6.92 -3.88
CA GLU A 38 -16.14 6.97 -4.40
C GLU A 38 -16.20 7.73 -5.72
N LYS A 39 -16.98 7.22 -6.66
CA LYS A 39 -17.12 7.85 -7.97
C LYS A 39 -18.50 8.50 -8.12
N PRO A 40 -18.65 9.70 -7.55
CA PRO A 40 -19.91 10.45 -7.61
C PRO A 40 -20.21 10.97 -9.01
N SER A 41 -21.49 11.07 -9.33
CA SER A 41 -21.92 11.55 -10.64
C SER A 41 -21.30 12.92 -10.95
N GLY A 42 -20.42 12.95 -11.94
CA GLY A 42 -19.77 14.19 -12.31
C GLY A 42 -20.69 15.11 -13.11
N PRO A 43 -20.51 15.12 -14.44
CA PRO A 43 -21.31 15.95 -15.35
C PRO A 43 -22.76 15.46 -15.45
N SER A 44 -22.92 14.17 -15.72
CA SER A 44 -24.24 13.58 -15.86
C SER A 44 -25.23 14.58 -16.45
N SER A 45 -24.77 15.32 -17.45
CA SER A 45 -25.60 16.32 -18.11
C SER A 45 -26.66 15.66 -18.98
N GLY A 46 -27.77 15.26 -18.36
CA GLY A 46 -28.84 14.61 -19.09
C GLY A 46 -28.41 13.28 -19.68
ZN ZN B . -1.14 1.96 -1.79
N GLY A 1 19.52 -15.35 -8.04
CA GLY A 1 19.51 -14.12 -7.28
C GLY A 1 18.15 -13.81 -6.70
N SER A 2 18.10 -13.56 -5.40
CA SER A 2 16.84 -13.26 -4.71
C SER A 2 16.81 -11.82 -4.24
N SER A 3 17.87 -11.40 -3.54
CA SER A 3 17.96 -10.04 -3.02
C SER A 3 18.32 -9.06 -4.13
N GLY A 4 17.45 -8.07 -4.35
CA GLY A 4 17.69 -7.09 -5.38
C GLY A 4 18.36 -5.83 -4.84
N SER A 5 17.71 -5.20 -3.86
CA SER A 5 18.24 -3.98 -3.26
C SER A 5 18.61 -4.21 -1.80
N SER A 6 19.90 -4.30 -1.51
CA SER A 6 20.37 -4.52 -0.16
C SER A 6 20.22 -3.25 0.68
N GLY A 7 19.12 -3.17 1.43
CA GLY A 7 18.88 -2.01 2.27
C GLY A 7 18.13 -2.36 3.53
N THR A 8 17.55 -1.35 4.17
CA THR A 8 16.79 -1.55 5.40
C THR A 8 15.29 -1.45 5.15
N GLY A 9 14.53 -2.33 5.81
CA GLY A 9 13.09 -2.32 5.64
C GLY A 9 12.45 -3.63 6.10
N GLU A 10 12.21 -4.53 5.16
CA GLU A 10 11.60 -5.82 5.47
C GLU A 10 10.28 -5.63 6.19
N LYS A 11 9.48 -4.68 5.70
CA LYS A 11 8.17 -4.39 6.30
C LYS A 11 7.22 -5.56 6.08
N PRO A 12 6.53 -5.97 7.16
CA PRO A 12 5.57 -7.07 7.11
C PRO A 12 4.31 -6.71 6.32
N PHE A 13 3.80 -5.50 6.56
CA PHE A 13 2.60 -5.03 5.88
C PHE A 13 2.96 -4.09 4.73
N LYS A 14 2.36 -4.33 3.57
CA LYS A 14 2.61 -3.51 2.40
C LYS A 14 1.38 -3.48 1.48
N CYS A 15 0.95 -2.27 1.12
CA CYS A 15 -0.21 -2.10 0.24
C CYS A 15 -0.13 -3.05 -0.95
N VAL A 16 -1.18 -3.83 -1.16
CA VAL A 16 -1.23 -4.78 -2.26
C VAL A 16 -1.56 -4.06 -3.58
N GLU A 17 -1.49 -2.74 -3.55
CA GLU A 17 -1.78 -1.94 -4.74
C GLU A 17 -0.55 -1.16 -5.18
N CYS A 18 0.27 -0.77 -4.22
CA CYS A 18 1.49 -0.01 -4.51
C CYS A 18 2.71 -0.65 -3.85
N GLY A 19 2.48 -1.25 -2.67
CA GLY A 19 3.57 -1.89 -1.95
C GLY A 19 4.08 -1.04 -0.80
N LYS A 20 3.23 -0.19 -0.27
CA LYS A 20 3.60 0.70 0.83
C LYS A 20 4.22 -0.11 1.98
N GLY A 21 4.48 0.56 3.10
CA GLY A 21 5.06 -0.11 4.24
C GLY A 21 4.35 0.24 5.53
N PHE A 22 3.89 -0.78 6.25
CA PHE A 22 3.18 -0.57 7.51
C PHE A 22 3.51 -1.69 8.50
N SER A 23 3.10 -1.51 9.75
CA SER A 23 3.34 -2.49 10.80
C SER A 23 2.04 -2.93 11.45
N ARG A 24 0.94 -2.28 11.07
CA ARG A 24 -0.36 -2.59 11.62
C ARG A 24 -1.43 -2.65 10.53
N ARG A 25 -2.60 -3.17 10.86
CA ARG A 25 -3.69 -3.27 9.90
C ARG A 25 -4.33 -1.91 9.65
N SER A 26 -4.39 -1.08 10.69
CA SER A 26 -4.98 0.25 10.57
C SER A 26 -4.13 1.14 9.68
N ALA A 27 -2.82 1.17 9.94
CA ALA A 27 -1.90 1.97 9.16
C ALA A 27 -1.96 1.61 7.69
N LEU A 28 -2.16 0.33 7.40
CA LEU A 28 -2.25 -0.16 6.03
C LEU A 28 -3.67 -0.09 5.51
N ASN A 29 -4.64 -0.16 6.43
CA ASN A 29 -6.05 -0.11 6.07
C ASN A 29 -6.47 1.32 5.73
N VAL A 30 -5.85 2.29 6.41
CA VAL A 30 -6.17 3.69 6.18
C VAL A 30 -5.65 4.16 4.83
N HIS A 31 -4.42 3.77 4.49
CA HIS A 31 -3.81 4.15 3.23
C HIS A 31 -4.52 3.45 2.06
N HIS A 32 -5.16 2.33 2.35
CA HIS A 32 -5.88 1.57 1.32
C HIS A 32 -6.95 2.44 0.66
N LYS A 33 -7.63 3.24 1.47
CA LYS A 33 -8.69 4.12 0.96
C LYS A 33 -8.16 5.03 -0.14
N LEU A 34 -6.86 5.31 -0.08
CA LEU A 34 -6.23 6.16 -1.08
C LEU A 34 -6.17 5.48 -2.44
N HIS A 35 -6.59 4.22 -2.47
CA HIS A 35 -6.59 3.44 -3.71
C HIS A 35 -8.01 3.14 -4.17
N THR A 36 -8.98 3.83 -3.56
CA THR A 36 -10.38 3.64 -3.90
C THR A 36 -10.93 4.84 -4.67
N GLY A 37 -12.13 4.68 -5.22
CA GLY A 37 -12.75 5.76 -5.97
C GLY A 37 -12.67 7.10 -5.25
N GLU A 38 -11.90 8.02 -5.81
CA GLU A 38 -11.74 9.35 -5.21
C GLU A 38 -11.96 10.44 -6.26
N LYS A 39 -12.91 10.21 -7.17
CA LYS A 39 -13.21 11.17 -8.20
C LYS A 39 -13.20 12.59 -7.65
N PRO A 40 -12.56 13.52 -8.39
CA PRO A 40 -12.47 14.92 -8.00
C PRO A 40 -13.81 15.65 -8.09
N SER A 41 -13.79 16.95 -7.89
CA SER A 41 -15.00 17.76 -7.94
C SER A 41 -14.87 18.87 -8.98
N GLY A 42 -15.61 18.76 -10.08
CA GLY A 42 -15.55 19.76 -11.12
C GLY A 42 -15.84 21.16 -10.60
N PRO A 43 -14.79 22.00 -10.54
CA PRO A 43 -14.92 23.38 -10.05
C PRO A 43 -15.71 24.26 -11.01
N SER A 44 -16.98 24.51 -10.69
CA SER A 44 -17.84 25.33 -11.53
C SER A 44 -17.15 26.65 -11.88
N SER A 45 -16.53 27.27 -10.89
CA SER A 45 -15.84 28.54 -11.09
C SER A 45 -14.50 28.32 -11.78
N GLY A 46 -14.36 28.87 -12.98
CA GLY A 46 -13.13 28.72 -13.74
C GLY A 46 -13.26 27.72 -14.87
ZN ZN B . -0.99 1.84 -1.68
#